data_8T7N
#
_entry.id   8T7N
#
_cell.length_a   80.872
_cell.length_b   80.872
_cell.length_c   302.452
_cell.angle_alpha   90
_cell.angle_beta   90
_cell.angle_gamma   90
#
_symmetry.space_group_name_H-M   'P 43 21 2'
#
loop_
_entity.id
_entity.type
_entity.pdbx_description
1 polymer 'Isocitrate dehydrogenase [NADP] cytoplasmic'
2 non-polymer 'NADP NICOTINAMIDE-ADENINE-DINUCLEOTIDE PHOSPHATE'
3 non-polymer N-(4-tert-butylphenyl)-7,8-dimethyl-5,11-dihydro-6H-pyrido[2,3-b][1,5]benzodiazepine-6-carboxamide
4 water water
#
_entity_poly.entity_id   1
_entity_poly.type   'polypeptide(L)'
_entity_poly.pdbx_seq_one_letter_code
;MSKKISGGSVVEMQGDEMTRIIWELIKEKLIFPYVELDLHSYDLGIENRDATNDQVTKDAAEAIKKHNVGVKCATITPDE
KRVEEFKLKQMWKSPNGTIRNILGGTVFREAIICKNIPRLVSGWVKPIIIGHHAYGDQYRATDFVVPGPGKVEITYTPSD
GTQKVTYLVHNFEEGGGVAMGMYNQDKSIEDFAHSSFQMALSKGWPLYLSTKNTILKKYDGRFKDIFQEIYDKQYKSQFE
AQKIWYEHRLIDDMVAQAMKSEGGFIWACKNYDGDVQSDSVAQGYGSLGMMTSVLVCPDGKTVEAEAAHGTVTRHYRMYQ
KGQETSTNPIASIFAWTRGLAHRAKLDNNKELAFFANALEEVSIETIEAGFMTKDLAACIKGLPNVQRSDYLNTFEFMDK
LGENLKIKLAQAKLLEHHHHHHHH
;
_entity_poly.pdbx_strand_id   A,B
#
# COMPACT_ATOMS: atom_id res chain seq x y z
N LYS A 3 -43.67 -9.69 17.26
CA LYS A 3 -43.20 -8.60 18.12
C LYS A 3 -41.68 -8.38 17.93
N LYS A 4 -41.31 -7.13 17.57
CA LYS A 4 -39.95 -6.68 17.29
C LYS A 4 -38.93 -6.89 18.41
N ILE A 5 -37.65 -6.87 18.05
CA ILE A 5 -36.57 -7.01 19.01
C ILE A 5 -36.35 -5.69 19.73
N SER A 6 -36.08 -5.72 21.05
CA SER A 6 -35.75 -4.54 21.85
C SER A 6 -34.25 -4.36 21.64
N GLY A 7 -33.86 -3.46 20.77
CA GLY A 7 -32.45 -3.24 20.46
C GLY A 7 -31.65 -2.32 21.35
N GLY A 8 -32.32 -1.60 22.25
CA GLY A 8 -31.62 -0.72 23.16
C GLY A 8 -31.30 0.65 22.58
N SER A 9 -30.29 1.25 23.18
CA SER A 9 -29.78 2.59 22.95
C SER A 9 -28.76 2.69 21.82
N VAL A 10 -29.12 3.38 20.72
CA VAL A 10 -28.24 3.50 19.56
C VAL A 10 -28.25 4.95 19.06
N VAL A 11 -27.08 5.53 18.82
CA VAL A 11 -26.96 6.88 18.29
C VAL A 11 -26.87 6.76 16.75
N GLU A 12 -27.70 7.50 16.05
CA GLU A 12 -27.76 7.45 14.60
C GLU A 12 -27.46 8.84 14.03
N MET A 13 -26.65 8.92 12.97
CA MET A 13 -26.33 10.20 12.36
C MET A 13 -26.70 10.15 10.90
N GLN A 14 -27.62 11.02 10.48
CA GLN A 14 -28.04 11.08 9.10
C GLN A 14 -27.04 11.91 8.34
N GLY A 15 -26.93 11.64 7.05
CA GLY A 15 -25.94 12.33 6.23
C GLY A 15 -26.45 13.00 4.98
N ASP A 16 -25.63 12.99 3.95
CA ASP A 16 -25.93 13.69 2.70
C ASP A 16 -25.99 12.84 1.42
N GLU A 17 -26.61 13.43 0.41
CA GLU A 17 -26.73 13.01 -0.96
C GLU A 17 -27.16 11.52 -1.15
N MET A 18 -26.44 10.70 -1.96
CA MET A 18 -26.90 9.33 -2.22
C MET A 18 -26.93 8.45 -0.97
N THR A 19 -25.98 8.64 -0.08
CA THR A 19 -25.91 7.87 1.15
C THR A 19 -27.10 8.15 2.07
N ARG A 20 -27.60 9.39 2.08
CA ARG A 20 -28.75 9.76 2.90
C ARG A 20 -29.99 9.00 2.42
N ILE A 21 -30.17 8.87 1.11
CA ILE A 21 -31.27 8.11 0.52
C ILE A 21 -31.15 6.63 0.87
N ILE A 22 -29.97 6.03 0.71
CA ILE A 22 -29.78 4.62 1.02
C ILE A 22 -30.02 4.35 2.49
N TRP A 23 -29.52 5.24 3.36
CA TRP A 23 -29.66 5.17 4.82
C TRP A 23 -31.12 5.09 5.26
N GLU A 24 -32.00 5.91 4.63
CA GLU A 24 -33.42 5.86 4.97
C GLU A 24 -34.04 4.53 4.52
N LEU A 25 -33.64 4.00 3.36
CA LEU A 25 -34.14 2.70 2.90
C LEU A 25 -33.66 1.58 3.83
N ILE A 26 -32.42 1.67 4.35
CA ILE A 26 -31.89 0.65 5.23
C ILE A 26 -32.74 0.59 6.52
N LYS A 27 -33.05 1.79 7.09
CA LYS A 27 -33.86 1.88 8.29
C LYS A 27 -35.27 1.39 8.02
N GLU A 28 -35.92 1.90 6.99
CA GLU A 28 -37.28 1.56 6.65
C GLU A 28 -37.52 0.07 6.24
N LYS A 29 -36.59 -0.57 5.51
CA LYS A 29 -36.80 -1.94 5.05
C LYS A 29 -36.08 -3.05 5.81
N LEU A 30 -34.91 -2.74 6.40
CA LEU A 30 -34.11 -3.75 7.07
C LEU A 30 -33.99 -3.64 8.58
N ILE A 31 -34.08 -2.42 9.16
CA ILE A 31 -33.90 -2.28 10.61
C ILE A 31 -35.22 -2.16 11.35
N PHE A 32 -36.00 -1.10 11.07
CA PHE A 32 -37.25 -0.78 11.72
C PHE A 32 -38.32 -1.92 11.67
N PRO A 33 -38.50 -2.69 10.55
CA PRO A 33 -39.50 -3.78 10.59
C PRO A 33 -39.21 -4.89 11.60
N TYR A 34 -37.99 -4.96 12.17
CA TYR A 34 -37.63 -6.04 13.10
C TYR A 34 -37.01 -5.64 14.41
N VAL A 35 -36.55 -4.38 14.54
CA VAL A 35 -35.87 -3.92 15.74
C VAL A 35 -36.43 -2.58 16.19
N GLU A 36 -36.70 -2.42 17.49
CA GLU A 36 -37.19 -1.20 18.10
C GLU A 36 -36.01 -0.62 18.88
N LEU A 37 -35.63 0.63 18.64
CA LEU A 37 -34.50 1.23 19.34
C LEU A 37 -34.86 2.52 20.03
N ASP A 38 -34.13 2.82 21.13
CA ASP A 38 -34.21 4.07 21.88
C ASP A 38 -33.20 4.84 21.04
N LEU A 39 -33.68 5.37 19.93
CA LEU A 39 -32.88 6.01 18.93
C LEU A 39 -32.56 7.47 19.19
N HIS A 40 -31.24 7.79 19.22
CA HIS A 40 -30.79 9.14 19.40
C HIS A 40 -30.33 9.59 18.01
N SER A 41 -31.22 10.21 17.21
CA SER A 41 -30.93 10.66 15.85
C SER A 41 -30.51 12.09 15.75
N TYR A 42 -29.44 12.31 15.00
CA TYR A 42 -28.86 13.60 14.77
C TYR A 42 -28.72 13.75 13.29
N ASP A 43 -29.25 14.83 12.76
CA ASP A 43 -29.17 15.06 11.33
C ASP A 43 -27.88 15.81 11.02
N LEU A 44 -26.89 15.09 10.49
CA LEU A 44 -25.62 15.69 10.10
C LEU A 44 -25.62 16.07 8.61
N GLY A 45 -26.77 16.43 8.07
CA GLY A 45 -26.86 16.89 6.70
C GLY A 45 -26.24 18.28 6.67
N ILE A 46 -25.58 18.63 5.55
CA ILE A 46 -24.87 19.88 5.37
C ILE A 46 -25.73 21.09 5.76
N GLU A 47 -27.01 21.08 5.35
CA GLU A 47 -27.95 22.13 5.66
C GLU A 47 -28.17 22.24 7.17
N ASN A 48 -28.42 21.12 7.86
CA ASN A 48 -28.63 21.16 9.30
C ASN A 48 -27.39 21.61 10.06
N ARG A 49 -26.19 21.17 9.66
CA ARG A 49 -24.94 21.59 10.30
C ARG A 49 -24.76 23.10 10.10
N ASP A 50 -25.13 23.63 8.91
CA ASP A 50 -25.01 25.05 8.65
C ASP A 50 -25.98 25.83 9.53
N ALA A 51 -27.26 25.43 9.54
CA ALA A 51 -28.29 26.09 10.36
C ALA A 51 -27.97 26.09 11.86
N THR A 52 -27.35 25.02 12.36
CA THR A 52 -27.01 24.95 13.78
C THR A 52 -25.58 25.40 14.12
N ASN A 53 -24.79 25.88 13.11
CA ASN A 53 -23.40 26.29 13.26
C ASN A 53 -22.52 25.12 13.76
N ASP A 54 -22.76 23.93 13.17
CA ASP A 54 -22.10 22.64 13.41
C ASP A 54 -22.32 22.10 14.83
N GLN A 55 -23.22 22.71 15.60
CA GLN A 55 -23.50 22.28 16.95
C GLN A 55 -24.08 20.85 16.95
N VAL A 56 -24.87 20.49 15.90
CA VAL A 56 -25.44 19.15 15.78
C VAL A 56 -24.34 18.05 15.83
N THR A 57 -23.19 18.34 15.20
CA THR A 57 -22.05 17.44 15.14
C THR A 57 -21.46 17.20 16.52
N LYS A 58 -21.32 18.28 17.29
CA LYS A 58 -20.75 18.17 18.62
C LYS A 58 -21.67 17.39 19.54
N ASP A 59 -22.99 17.63 19.43
CA ASP A 59 -23.98 16.93 20.23
C ASP A 59 -24.04 15.46 19.87
N ALA A 60 -23.95 15.12 18.57
CA ALA A 60 -23.95 13.73 18.12
C ALA A 60 -22.72 13.02 18.71
N ALA A 61 -21.55 13.72 18.70
CA ALA A 61 -20.33 13.16 19.23
C ALA A 61 -20.46 12.91 20.73
N GLU A 62 -21.07 13.86 21.47
CA GLU A 62 -21.29 13.68 22.91
C GLU A 62 -22.27 12.55 23.20
N ALA A 63 -23.28 12.38 22.34
CA ALA A 63 -24.24 11.30 22.50
C ALA A 63 -23.52 9.95 22.29
N ILE A 64 -22.55 9.83 21.34
CA ILE A 64 -21.84 8.55 21.15
C ILE A 64 -21.01 8.23 22.40
N LYS A 65 -20.40 9.26 23.00
CA LYS A 65 -19.62 9.09 24.21
C LYS A 65 -20.51 8.54 25.35
N LYS A 66 -21.68 9.14 25.51
CA LYS A 66 -22.62 8.73 26.54
C LYS A 66 -23.30 7.41 26.29
N HIS A 67 -23.70 7.10 25.06
CA HIS A 67 -24.47 5.91 24.75
C HIS A 67 -23.69 4.72 24.18
N ASN A 68 -22.38 4.91 23.94
CA ASN A 68 -21.43 3.91 23.46
C ASN A 68 -21.57 3.45 22.01
N VAL A 69 -22.75 3.50 21.39
CA VAL A 69 -22.91 3.02 20.02
C VAL A 69 -23.35 4.11 19.04
N GLY A 70 -22.53 4.41 18.06
CA GLY A 70 -22.87 5.35 17.01
C GLY A 70 -22.85 4.69 15.64
N VAL A 71 -23.83 4.99 14.78
CA VAL A 71 -23.90 4.49 13.39
C VAL A 71 -24.08 5.78 12.55
N LYS A 72 -23.16 6.05 11.61
CA LYS A 72 -23.15 7.29 10.85
C LYS A 72 -23.25 7.16 9.38
N CYS A 73 -24.07 8.00 8.75
CA CYS A 73 -24.24 8.05 7.31
C CYS A 73 -23.13 8.98 6.77
N ALA A 74 -22.67 8.76 5.54
CA ALA A 74 -21.60 9.57 4.94
C ALA A 74 -22.03 11.03 4.85
N THR A 75 -21.10 11.94 5.15
CA THR A 75 -21.40 13.38 5.13
C THR A 75 -20.45 14.15 4.23
N ILE A 76 -20.93 15.24 3.66
CA ILE A 76 -20.13 16.13 2.81
C ILE A 76 -19.16 16.91 3.69
N THR A 77 -17.86 16.89 3.35
CA THR A 77 -16.89 17.71 4.07
C THR A 77 -16.72 18.93 3.18
N PRO A 78 -17.09 20.10 3.68
CA PRO A 78 -17.01 21.30 2.86
C PRO A 78 -15.64 21.71 2.33
N ASP A 79 -15.67 22.25 1.12
CA ASP A 79 -14.58 22.85 0.37
C ASP A 79 -15.18 24.16 -0.25
N GLU A 80 -14.42 24.92 -1.04
CA GLU A 80 -14.91 26.15 -1.66
C GLU A 80 -16.10 25.95 -2.61
N LYS A 81 -16.17 24.79 -3.30
CA LYS A 81 -17.28 24.54 -4.24
C LYS A 81 -18.57 24.23 -3.46
N ARG A 82 -18.46 23.48 -2.34
CA ARG A 82 -19.61 23.16 -1.49
C ARG A 82 -20.10 24.44 -0.83
N VAL A 83 -19.19 25.34 -0.41
CA VAL A 83 -19.58 26.62 0.19
C VAL A 83 -20.44 27.41 -0.78
N GLU A 84 -20.11 27.41 -2.07
CA GLU A 84 -20.91 28.12 -3.07
C GLU A 84 -22.24 27.38 -3.30
N GLU A 85 -22.17 26.06 -3.51
CA GLU A 85 -23.34 25.21 -3.73
C GLU A 85 -24.40 25.32 -2.63
N PHE A 86 -23.96 25.38 -1.36
CA PHE A 86 -24.90 25.45 -0.24
C PHE A 86 -25.01 26.81 0.41
N LYS A 87 -24.21 27.80 0.01
CA LYS A 87 -24.19 29.14 0.59
C LYS A 87 -23.90 29.03 2.09
N LEU A 88 -22.86 28.25 2.39
CA LEU A 88 -22.44 27.98 3.75
C LEU A 88 -21.89 29.21 4.41
N LYS A 89 -22.11 29.31 5.72
CA LYS A 89 -21.61 30.41 6.52
C LYS A 89 -20.08 30.30 6.65
N GLN A 90 -19.57 29.07 6.76
CA GLN A 90 -18.17 28.72 6.91
C GLN A 90 -17.88 27.41 6.14
N MET A 91 -16.59 27.09 6.00
CA MET A 91 -16.14 25.84 5.41
C MET A 91 -16.03 25.01 6.67
N TRP A 92 -17.16 24.43 7.09
CA TRP A 92 -17.23 23.68 8.35
C TRP A 92 -16.28 22.51 8.33
N LYS A 93 -15.64 22.22 9.47
CA LYS A 93 -14.71 21.09 9.55
C LYS A 93 -15.45 19.78 9.29
N SER A 94 -14.73 18.75 8.84
CA SER A 94 -15.29 17.44 8.59
C SER A 94 -15.94 16.90 9.86
N PRO A 95 -17.20 16.42 9.75
CA PRO A 95 -17.90 15.87 10.92
C PRO A 95 -17.15 14.67 11.53
N ASN A 96 -16.45 13.89 10.72
CA ASN A 96 -15.69 12.74 11.22
C ASN A 96 -14.51 13.20 12.07
N GLY A 97 -13.87 14.28 11.65
CA GLY A 97 -12.76 14.86 12.38
C GLY A 97 -13.23 15.43 13.70
N THR A 98 -14.42 16.06 13.73
CA THR A 98 -14.96 16.58 14.98
C THR A 98 -15.30 15.43 15.95
N ILE A 99 -15.94 14.34 15.45
CA ILE A 99 -16.30 13.17 16.24
C ILE A 99 -15.04 12.48 16.79
N ARG A 100 -14.02 12.30 15.94
CA ARG A 100 -12.76 11.67 16.36
C ARG A 100 -12.09 12.52 17.43
N ASN A 101 -12.13 13.85 17.30
CA ASN A 101 -11.54 14.73 18.29
C ASN A 101 -12.20 14.55 19.66
N ILE A 102 -13.52 14.43 19.72
CA ILE A 102 -14.23 14.26 20.99
C ILE A 102 -14.15 12.84 21.57
N LEU A 103 -14.07 11.81 20.70
CA LEU A 103 -14.06 10.42 21.17
C LEU A 103 -12.73 9.78 21.30
N GLY A 104 -11.78 10.18 20.48
CA GLY A 104 -10.48 9.52 20.43
C GLY A 104 -10.67 8.17 19.75
N GLY A 105 -9.69 7.30 19.83
CA GLY A 105 -9.81 5.97 19.22
C GLY A 105 -9.15 5.80 17.86
N THR A 106 -9.06 4.54 17.42
CA THR A 106 -8.45 4.15 16.16
C THR A 106 -9.52 3.68 15.21
N VAL A 107 -9.40 4.04 13.94
CA VAL A 107 -10.31 3.62 12.89
C VAL A 107 -9.82 2.29 12.27
N PHE A 108 -10.70 1.32 12.20
CA PHE A 108 -10.39 0.05 11.60
C PHE A 108 -11.25 -0.19 10.40
N ARG A 109 -10.63 -0.49 9.24
CA ARG A 109 -11.37 -0.77 8.02
C ARG A 109 -11.39 -2.26 7.74
N GLU A 110 -12.56 -2.75 7.32
CA GLU A 110 -12.74 -4.16 7.06
C GLU A 110 -13.58 -4.34 5.83
N ALA A 111 -13.08 -5.11 4.86
CA ALA A 111 -13.86 -5.34 3.65
C ALA A 111 -14.88 -6.47 3.82
N ILE A 112 -15.97 -6.41 3.11
CA ILE A 112 -17.01 -7.44 3.14
C ILE A 112 -16.63 -8.44 2.04
N ILE A 113 -16.35 -9.70 2.43
CA ILE A 113 -15.95 -10.74 1.46
C ILE A 113 -17.10 -11.55 0.93
N CYS A 114 -17.15 -11.70 -0.39
CA CYS A 114 -18.14 -12.48 -1.12
C CYS A 114 -17.34 -13.43 -2.01
N LYS A 115 -17.62 -14.73 -1.92
CA LYS A 115 -16.91 -15.77 -2.66
C LYS A 115 -16.84 -15.52 -4.16
N ASN A 116 -17.86 -14.88 -4.73
CA ASN A 116 -17.90 -14.60 -6.17
C ASN A 116 -17.27 -13.26 -6.56
N ILE A 117 -16.82 -12.45 -5.59
CA ILE A 117 -16.23 -11.15 -5.90
C ILE A 117 -14.74 -11.24 -5.76
N PRO A 118 -14.02 -10.97 -6.85
CA PRO A 118 -12.54 -11.07 -6.78
C PRO A 118 -11.86 -10.10 -5.83
N ARG A 119 -10.67 -10.51 -5.35
CA ARG A 119 -9.83 -9.75 -4.44
C ARG A 119 -8.32 -9.94 -4.77
N LEU A 120 -7.45 -9.13 -4.16
CA LEU A 120 -6.00 -9.20 -4.37
C LEU A 120 -5.42 -10.63 -4.24
N VAL A 121 -5.66 -11.30 -3.10
CA VAL A 121 -5.18 -12.65 -2.90
C VAL A 121 -6.41 -13.54 -2.74
N SER A 122 -6.60 -14.45 -3.69
CA SER A 122 -7.72 -15.41 -3.72
C SER A 122 -7.84 -16.25 -2.44
N GLY A 123 -6.73 -16.43 -1.73
CA GLY A 123 -6.68 -17.20 -0.50
C GLY A 123 -7.27 -16.48 0.70
N TRP A 124 -7.49 -15.15 0.60
CA TRP A 124 -8.09 -14.39 1.70
C TRP A 124 -9.58 -14.65 1.71
N VAL A 125 -10.02 -15.58 2.55
CA VAL A 125 -11.44 -15.92 2.67
C VAL A 125 -12.10 -15.19 3.85
N LYS A 126 -11.31 -14.83 4.86
CA LYS A 126 -11.76 -14.08 6.02
C LYS A 126 -11.17 -12.67 5.85
N PRO A 127 -11.91 -11.62 6.24
CA PRO A 127 -11.36 -10.26 6.08
C PRO A 127 -10.15 -9.95 6.93
N ILE A 128 -9.38 -8.96 6.48
CA ILE A 128 -8.23 -8.43 7.19
C ILE A 128 -8.70 -7.04 7.65
N ILE A 129 -8.54 -6.75 8.93
CA ILE A 129 -8.96 -5.48 9.50
C ILE A 129 -7.72 -4.63 9.71
N ILE A 130 -7.59 -3.55 8.94
CA ILE A 130 -6.43 -2.70 9.05
C ILE A 130 -6.75 -1.40 9.78
N GLY A 131 -5.88 -1.05 10.71
CA GLY A 131 -6.01 0.18 11.47
C GLY A 131 -4.70 0.92 11.54
N HIS A 132 -4.70 2.19 11.19
CA HIS A 132 -3.50 3.02 11.26
C HIS A 132 -3.56 3.88 12.51
N HIS A 133 -2.39 4.41 12.94
CA HIS A 133 -2.36 5.31 14.08
C HIS A 133 -3.08 6.62 13.66
N ALA A 134 -4.08 7.06 14.45
CA ALA A 134 -4.83 8.27 14.11
C ALA A 134 -4.02 9.56 14.39
N GLN A 138 2.60 12.90 8.82
CA GLN A 138 1.83 13.44 9.93
C GLN A 138 1.17 14.75 9.53
N TYR A 139 -0.12 14.92 9.85
CA TYR A 139 -0.83 16.16 9.53
C TYR A 139 -0.41 17.27 10.52
N ARG A 140 -0.03 16.90 11.77
CA ARG A 140 0.40 17.88 12.76
C ARG A 140 1.94 18.07 12.77
N ALA A 141 2.65 17.67 11.67
CA ALA A 141 4.10 17.82 11.56
C ALA A 141 4.50 19.27 11.28
N THR A 142 5.72 19.65 11.67
CA THR A 142 6.23 21.02 11.44
C THR A 142 7.28 21.00 10.32
N ASP A 143 6.88 21.36 9.10
CA ASP A 143 7.78 21.34 7.96
C ASP A 143 8.13 22.71 7.45
N PHE A 144 9.33 22.83 6.92
CA PHE A 144 9.82 24.10 6.41
C PHE A 144 10.89 23.87 5.35
N VAL A 145 11.12 24.91 4.55
CA VAL A 145 12.12 24.92 3.50
C VAL A 145 13.46 25.43 4.07
N VAL A 146 14.57 24.79 3.68
CA VAL A 146 15.95 25.12 4.04
C VAL A 146 16.46 25.87 2.80
N PRO A 147 16.52 27.22 2.87
CA PRO A 147 16.85 27.99 1.66
C PRO A 147 18.29 27.83 1.16
N GLY A 148 19.22 27.60 2.08
CA GLY A 148 20.61 27.44 1.73
C GLY A 148 21.41 26.72 2.80
N PRO A 149 22.75 26.75 2.68
CA PRO A 149 23.57 26.04 3.66
C PRO A 149 23.31 26.43 5.11
N GLY A 150 23.55 25.49 5.99
CA GLY A 150 23.32 25.67 7.41
C GLY A 150 22.90 24.40 8.10
N LYS A 151 22.89 24.44 9.42
CA LYS A 151 22.56 23.33 10.32
C LYS A 151 21.06 23.27 10.66
N VAL A 152 20.50 22.06 10.71
CA VAL A 152 19.12 21.84 11.15
C VAL A 152 19.20 20.94 12.39
N GLU A 153 18.77 21.44 13.56
CA GLU A 153 18.82 20.68 14.79
C GLU A 153 17.46 20.56 15.41
N ILE A 154 17.25 19.48 16.14
CA ILE A 154 16.00 19.24 16.84
C ILE A 154 16.40 19.10 18.29
N THR A 155 15.79 19.88 19.15
CA THR A 155 16.15 19.90 20.56
C THR A 155 14.96 19.60 21.49
N TYR A 156 15.26 19.12 22.69
CA TYR A 156 14.25 18.82 23.69
C TYR A 156 14.69 19.46 25.00
N THR A 157 13.83 20.30 25.55
CA THR A 157 14.10 21.01 26.79
C THR A 157 13.22 20.45 27.85
N PRO A 158 13.77 19.68 28.79
CA PRO A 158 12.93 19.11 29.86
C PRO A 158 12.27 20.18 30.71
N SER A 159 11.00 19.95 31.04
CA SER A 159 10.22 20.82 31.89
C SER A 159 10.75 20.81 33.33
N ASP A 160 11.38 19.69 33.77
CA ASP A 160 11.94 19.60 35.12
C ASP A 160 13.26 20.36 35.31
N GLY A 161 13.65 21.16 34.31
CA GLY A 161 14.85 21.99 34.37
C GLY A 161 16.16 21.29 34.11
N THR A 162 16.13 19.97 33.81
CA THR A 162 17.37 19.24 33.53
C THR A 162 17.92 19.59 32.11
N GLN A 163 19.17 19.20 31.85
CA GLN A 163 19.89 19.46 30.61
C GLN A 163 19.09 19.29 29.32
N LYS A 164 19.12 20.34 28.50
CA LYS A 164 18.52 20.43 27.19
C LYS A 164 19.31 19.46 26.27
N VAL A 165 18.61 18.68 25.47
CA VAL A 165 19.20 17.69 24.59
C VAL A 165 19.15 18.17 23.13
N THR A 166 20.29 18.10 22.39
CA THR A 166 20.31 18.54 21.01
C THR A 166 20.70 17.42 20.04
N TYR A 167 19.94 17.26 18.95
CA TYR A 167 20.21 16.26 17.91
C TYR A 167 20.44 16.97 16.59
N LEU A 168 21.49 16.60 15.86
CA LEU A 168 21.71 17.15 14.54
C LEU A 168 20.80 16.37 13.56
N VAL A 169 19.91 17.07 12.85
CA VAL A 169 19.05 16.41 11.86
C VAL A 169 19.95 16.29 10.60
N HIS A 170 20.52 17.44 10.15
CA HIS A 170 21.38 17.48 9.00
C HIS A 170 22.12 18.79 8.88
N ASN A 171 23.34 18.69 8.41
CA ASN A 171 24.18 19.84 8.15
C ASN A 171 24.22 20.00 6.63
N PHE A 172 23.57 21.02 6.11
CA PHE A 172 23.53 21.28 4.68
C PHE A 172 24.82 22.03 4.34
N GLU A 173 25.84 21.32 3.80
CA GLU A 173 27.11 21.97 3.47
C GLU A 173 27.06 22.74 2.14
N GLU A 174 26.24 22.27 1.23
CA GLU A 174 26.08 22.91 -0.06
C GLU A 174 24.63 22.81 -0.44
N GLY A 175 24.07 23.92 -0.90
CA GLY A 175 22.68 23.97 -1.30
C GLY A 175 21.74 23.90 -0.11
N GLY A 176 20.45 23.88 -0.40
CA GLY A 176 19.43 23.79 0.63
C GLY A 176 18.61 22.53 0.49
N GLY A 177 17.40 22.57 0.99
CA GLY A 177 16.48 21.45 0.92
C GLY A 177 15.21 21.69 1.71
N VAL A 178 14.71 20.65 2.35
CA VAL A 178 13.51 20.69 3.17
C VAL A 178 13.80 19.96 4.47
N ALA A 179 13.05 20.29 5.50
CA ALA A 179 13.24 19.67 6.81
C ALA A 179 11.92 19.62 7.56
N MET A 180 11.79 18.70 8.52
CA MET A 180 10.57 18.59 9.30
C MET A 180 10.75 17.89 10.65
N GLY A 181 9.84 18.20 11.54
CA GLY A 181 9.79 17.62 12.87
C GLY A 181 8.46 16.91 13.04
N MET A 182 8.46 15.81 13.72
CA MET A 182 7.26 15.02 13.99
C MET A 182 7.34 14.56 15.42
N TYR A 183 6.21 14.30 16.04
CA TYR A 183 6.18 13.85 17.41
C TYR A 183 4.99 12.89 17.58
N ASN A 184 4.95 12.22 18.72
CA ASN A 184 3.86 11.37 19.12
C ASN A 184 3.87 11.31 20.64
N GLN A 185 2.71 11.43 21.27
CA GLN A 185 2.62 11.37 22.72
C GLN A 185 2.38 9.90 23.15
N ASP A 186 2.93 9.51 24.31
CA ASP A 186 2.76 8.16 24.85
C ASP A 186 1.29 7.78 24.97
N LYS A 187 0.46 8.72 25.43
CA LYS A 187 -0.96 8.50 25.60
C LYS A 187 -1.63 8.06 24.27
N SER A 188 -1.27 8.65 23.11
CA SER A 188 -1.87 8.23 21.82
C SER A 188 -1.46 6.82 21.46
N ILE A 189 -0.17 6.47 21.68
CA ILE A 189 0.40 5.14 21.42
C ILE A 189 -0.33 4.10 22.27
N GLU A 190 -0.57 4.41 23.57
CA GLU A 190 -1.28 3.54 24.49
C GLU A 190 -2.71 3.36 24.06
N ASP A 191 -3.35 4.47 23.62
CA ASP A 191 -4.72 4.43 23.13
C ASP A 191 -4.82 3.57 21.90
N PHE A 192 -3.84 3.65 20.98
CA PHE A 192 -3.72 2.85 19.76
C PHE A 192 -3.59 1.36 20.14
N ALA A 193 -2.78 1.04 21.17
CA ALA A 193 -2.58 -0.33 21.65
C ALA A 193 -3.89 -0.86 22.22
N HIS A 194 -4.53 -0.14 23.19
CA HIS A 194 -5.81 -0.51 23.77
C HIS A 194 -6.88 -0.73 22.73
N SER A 195 -7.12 0.24 21.81
CA SER A 195 -8.13 0.05 20.77
C SER A 195 -7.84 -1.22 19.92
N SER A 196 -6.57 -1.52 19.60
CA SER A 196 -6.21 -2.67 18.78
C SER A 196 -6.47 -3.98 19.52
N PHE A 197 -6.12 -4.03 20.83
CA PHE A 197 -6.36 -5.22 21.64
C PHE A 197 -7.86 -5.46 21.79
N GLN A 198 -8.64 -4.38 22.03
CA GLN A 198 -10.11 -4.44 22.17
C GLN A 198 -10.73 -4.97 20.89
N MET A 199 -10.31 -4.43 19.75
CA MET A 199 -10.79 -4.83 18.42
C MET A 199 -10.54 -6.34 18.16
N ALA A 200 -9.37 -6.83 18.57
CA ALA A 200 -8.99 -8.23 18.41
C ALA A 200 -9.82 -9.14 19.33
N LEU A 201 -10.03 -8.74 20.58
CA LEU A 201 -10.83 -9.51 21.53
C LEU A 201 -12.29 -9.66 21.08
N SER A 202 -12.88 -8.58 20.54
CA SER A 202 -14.26 -8.60 20.11
C SER A 202 -14.48 -9.42 18.83
N LYS A 203 -13.49 -9.43 17.96
CA LYS A 203 -13.57 -10.18 16.71
C LYS A 203 -13.07 -11.63 16.86
N GLY A 204 -12.37 -11.94 17.96
CA GLY A 204 -11.80 -13.25 18.24
C GLY A 204 -10.71 -13.61 17.25
N TRP A 205 -9.86 -12.64 16.89
CA TRP A 205 -8.80 -12.82 15.91
C TRP A 205 -7.43 -12.39 16.41
N PRO A 206 -6.33 -12.99 15.90
CA PRO A 206 -5.00 -12.56 16.32
C PRO A 206 -4.67 -11.13 15.85
N LEU A 207 -3.82 -10.42 16.61
CA LEU A 207 -3.44 -9.05 16.27
C LEU A 207 -1.96 -8.93 15.93
N TYR A 208 -1.67 -8.22 14.85
CA TYR A 208 -0.31 -7.96 14.44
C TYR A 208 -0.04 -6.48 14.37
N LEU A 209 1.03 -6.03 15.00
CA LEU A 209 1.43 -4.65 14.92
C LEU A 209 2.62 -4.62 13.99
N SER A 210 2.58 -3.80 12.94
CA SER A 210 3.70 -3.67 12.04
C SER A 210 4.39 -2.28 12.25
N THR A 211 5.71 -2.27 12.47
CA THR A 211 6.48 -1.02 12.58
C THR A 211 7.78 -1.16 11.71
N LYS A 212 8.58 -0.08 11.62
CA LYS A 212 9.88 -0.07 10.94
C LYS A 212 10.92 0.18 12.04
N ASN A 213 10.80 -0.54 13.19
CA ASN A 213 11.67 -0.39 14.35
C ASN A 213 13.15 -0.64 14.07
N THR A 214 13.48 -1.33 12.96
CA THR A 214 14.88 -1.54 12.58
C THR A 214 15.49 -0.22 12.06
N ILE A 215 14.67 0.68 11.48
CA ILE A 215 15.16 1.97 11.00
C ILE A 215 14.88 3.07 12.02
N LEU A 216 13.62 3.19 12.44
CA LEU A 216 13.26 4.18 13.45
C LEU A 216 13.30 3.44 14.80
N LYS A 217 14.51 3.16 15.27
CA LYS A 217 14.73 2.43 16.51
C LYS A 217 14.09 3.06 17.73
N LYS A 218 14.06 4.40 17.83
CA LYS A 218 13.47 5.05 18.99
C LYS A 218 11.99 5.31 18.79
N TYR A 219 11.64 5.98 17.67
CA TYR A 219 10.28 6.32 17.32
C TYR A 219 9.39 5.09 17.24
N ASP A 220 9.70 4.12 16.35
CA ASP A 220 8.87 2.90 16.23
C ASP A 220 9.09 1.90 17.35
N GLY A 221 10.24 1.98 18.02
CA GLY A 221 10.54 1.14 19.14
C GLY A 221 9.60 1.42 20.30
N ARG A 222 9.13 2.67 20.45
CA ARG A 222 8.21 3.02 21.53
C ARG A 222 6.83 2.38 21.26
N PHE A 223 6.40 2.29 19.98
CA PHE A 223 5.13 1.66 19.63
C PHE A 223 5.18 0.20 20.00
N LYS A 224 6.24 -0.50 19.57
CA LYS A 224 6.49 -1.91 19.84
C LYS A 224 6.55 -2.17 21.35
N ASP A 225 7.33 -1.37 22.07
CA ASP A 225 7.46 -1.54 23.52
C ASP A 225 6.17 -1.28 24.24
N ILE A 226 5.44 -0.19 23.91
CA ILE A 226 4.18 0.08 24.58
C ILE A 226 3.12 -1.02 24.28
N PHE A 227 3.03 -1.50 23.03
CA PHE A 227 2.07 -2.56 22.69
C PHE A 227 2.42 -3.84 23.45
N GLN A 228 3.73 -4.14 23.59
CA GLN A 228 4.15 -5.35 24.29
C GLN A 228 3.90 -5.23 25.77
N GLU A 229 4.17 -4.05 26.36
CA GLU A 229 3.95 -3.82 27.79
C GLU A 229 2.47 -3.92 28.13
N ILE A 230 1.61 -3.27 27.35
CA ILE A 230 0.17 -3.30 27.58
C ILE A 230 -0.37 -4.73 27.42
N TYR A 231 0.10 -5.43 26.41
CA TYR A 231 -0.32 -6.79 26.14
C TYR A 231 0.03 -7.71 27.30
N ASP A 232 1.34 -7.88 27.59
CA ASP A 232 1.81 -8.77 28.65
C ASP A 232 1.15 -8.47 30.00
N LYS A 233 1.02 -7.19 30.37
CA LYS A 233 0.47 -6.81 31.66
C LYS A 233 -1.04 -6.79 31.77
N GLN A 234 -1.81 -6.79 30.65
CA GLN A 234 -3.29 -6.73 30.82
C GLN A 234 -4.16 -7.41 29.74
N TYR A 235 -3.61 -8.06 28.70
CA TYR A 235 -4.46 -8.70 27.69
C TYR A 235 -4.07 -10.13 27.37
N LYS A 236 -2.81 -10.52 27.62
CA LYS A 236 -2.28 -11.87 27.33
C LYS A 236 -3.21 -12.99 27.79
N SER A 237 -3.70 -12.92 29.05
CA SER A 237 -4.62 -13.88 29.64
C SER A 237 -5.88 -13.99 28.79
N GLN A 238 -6.59 -12.86 28.54
CA GLN A 238 -7.81 -12.82 27.72
C GLN A 238 -7.56 -13.38 26.33
N PHE A 239 -6.41 -13.02 25.72
CA PHE A 239 -6.04 -13.49 24.39
C PHE A 239 -5.83 -15.01 24.35
N GLU A 240 -5.10 -15.57 25.33
CA GLU A 240 -4.84 -17.01 25.40
C GLU A 240 -6.14 -17.77 25.66
N ALA A 241 -7.02 -17.22 26.53
CA ALA A 241 -8.33 -17.80 26.82
C ALA A 241 -9.17 -17.94 25.56
N GLN A 242 -9.01 -17.00 24.59
CA GLN A 242 -9.72 -17.04 23.32
C GLN A 242 -8.94 -17.68 22.18
N LYS A 243 -7.77 -18.27 22.49
CA LYS A 243 -6.89 -18.95 21.54
C LYS A 243 -6.33 -18.01 20.46
N ILE A 244 -6.11 -16.74 20.82
CA ILE A 244 -5.55 -15.76 19.89
C ILE A 244 -4.23 -15.22 20.45
N TRP A 245 -3.49 -14.42 19.67
CA TRP A 245 -2.19 -13.91 20.12
C TRP A 245 -1.88 -12.55 19.52
N TYR A 246 -0.98 -11.81 20.17
CA TYR A 246 -0.52 -10.54 19.66
C TYR A 246 0.95 -10.74 19.30
N GLU A 247 1.36 -10.27 18.13
CA GLU A 247 2.74 -10.34 17.71
C GLU A 247 3.17 -9.11 16.95
N HIS A 248 4.39 -8.61 17.22
CA HIS A 248 4.93 -7.50 16.46
C HIS A 248 5.61 -8.11 15.23
N ARG A 249 5.50 -7.47 14.07
CA ARG A 249 6.15 -7.95 12.85
C ARG A 249 6.71 -6.75 12.12
N LEU A 250 7.88 -6.89 11.50
CA LEU A 250 8.46 -5.82 10.69
C LEU A 250 7.57 -5.66 9.47
N ILE A 251 7.31 -4.43 9.00
CA ILE A 251 6.44 -4.23 7.83
C ILE A 251 6.72 -5.18 6.63
N ASP A 252 7.99 -5.48 6.37
CA ASP A 252 8.42 -6.38 5.29
C ASP A 252 7.96 -7.83 5.52
N ASP A 253 8.19 -8.36 6.73
CA ASP A 253 7.75 -9.72 7.10
C ASP A 253 6.22 -9.79 7.13
N MET A 254 5.57 -8.68 7.56
CA MET A 254 4.13 -8.55 7.66
C MET A 254 3.48 -8.62 6.30
N VAL A 255 4.01 -7.89 5.32
CA VAL A 255 3.48 -7.92 3.95
C VAL A 255 3.63 -9.33 3.36
N ALA A 256 4.73 -10.01 3.66
CA ALA A 256 4.98 -11.36 3.17
C ALA A 256 4.01 -12.37 3.83
N GLN A 257 3.90 -12.37 5.17
CA GLN A 257 3.02 -13.26 5.93
C GLN A 257 1.55 -13.11 5.51
N ALA A 258 1.10 -11.87 5.22
CA ALA A 258 -0.27 -11.58 4.81
C ALA A 258 -0.58 -12.15 3.43
N MET A 259 0.37 -12.07 2.49
CA MET A 259 0.18 -12.60 1.14
C MET A 259 -0.02 -14.11 1.15
N LYS A 260 0.69 -14.81 2.05
CA LYS A 260 0.57 -16.26 2.19
C LYS A 260 -0.41 -16.65 3.29
N SER A 261 -1.39 -15.79 3.60
CA SER A 261 -2.37 -16.02 4.65
C SER A 261 -3.78 -16.21 4.10
N GLU A 262 -4.71 -16.67 4.95
CA GLU A 262 -6.13 -16.87 4.61
C GLU A 262 -7.02 -15.73 5.15
N GLY A 263 -6.42 -14.59 5.51
CA GLY A 263 -7.13 -13.49 6.13
C GLY A 263 -7.47 -13.83 7.58
N GLY A 264 -8.36 -13.05 8.18
CA GLY A 264 -8.77 -13.30 9.55
C GLY A 264 -7.77 -12.87 10.60
N PHE A 265 -7.41 -11.60 10.59
CA PHE A 265 -6.51 -11.03 11.58
C PHE A 265 -6.62 -9.53 11.60
N ILE A 266 -6.23 -8.94 12.71
CA ILE A 266 -6.24 -7.50 12.86
C ILE A 266 -4.81 -7.05 12.56
N TRP A 267 -4.68 -6.02 11.77
CA TRP A 267 -3.39 -5.46 11.41
C TRP A 267 -3.33 -3.98 11.80
N ALA A 268 -2.65 -3.70 12.91
CA ALA A 268 -2.43 -2.33 13.37
C ALA A 268 -1.10 -1.94 12.75
N CYS A 269 -1.04 -0.86 11.95
CA CYS A 269 0.23 -0.50 11.36
C CYS A 269 0.61 0.93 11.60
N LYS A 270 1.85 1.10 12.01
CA LYS A 270 2.48 2.38 12.27
C LYS A 270 3.22 2.60 10.96
N ASN A 271 2.74 3.56 10.16
CA ASN A 271 3.35 3.85 8.86
C ASN A 271 4.04 5.23 8.85
N SER A 287 -16.98 -1.82 -4.96
CA SER A 287 -15.76 -2.16 -4.24
C SER A 287 -15.65 -1.27 -3.00
N LEU A 288 -15.80 0.07 -3.16
CA LEU A 288 -15.80 0.95 -1.98
C LEU A 288 -17.09 0.68 -1.15
N GLY A 289 -18.19 0.30 -1.84
CA GLY A 289 -19.43 -0.05 -1.18
C GLY A 289 -19.35 -1.36 -0.41
N MET A 290 -18.13 -1.97 -0.30
CA MET A 290 -17.84 -3.23 0.41
C MET A 290 -16.81 -3.02 1.53
N MET A 291 -16.74 -1.81 2.10
CA MET A 291 -15.82 -1.56 3.19
C MET A 291 -16.38 -0.63 4.24
N THR A 292 -16.19 -0.98 5.50
CA THR A 292 -16.64 -0.20 6.62
C THR A 292 -15.47 0.44 7.36
N SER A 293 -15.75 1.48 8.15
CA SER A 293 -14.80 2.20 8.98
C SER A 293 -15.38 2.20 10.39
N VAL A 294 -14.67 1.65 11.38
CA VAL A 294 -15.17 1.66 12.74
C VAL A 294 -14.17 2.35 13.67
N LEU A 295 -14.58 3.45 14.32
CA LEU A 295 -13.73 4.17 15.24
C LEU A 295 -13.89 3.40 16.56
N VAL A 296 -12.83 2.72 16.99
CA VAL A 296 -12.85 1.92 18.20
C VAL A 296 -12.14 2.68 19.30
N CYS A 297 -12.87 3.03 20.35
CA CYS A 297 -12.29 3.78 21.46
C CYS A 297 -11.49 2.86 22.37
N PRO A 298 -10.43 3.39 22.97
CA PRO A 298 -9.59 2.54 23.84
C PRO A 298 -10.30 1.89 25.01
N ASP A 299 -11.42 2.45 25.48
CA ASP A 299 -12.17 1.88 26.60
C ASP A 299 -12.79 0.50 26.32
N GLY A 300 -12.99 0.18 25.05
CA GLY A 300 -13.58 -1.10 24.66
C GLY A 300 -15.09 -1.12 24.68
N LYS A 301 -15.72 0.02 25.06
CA LYS A 301 -17.18 0.15 25.13
C LYS A 301 -17.73 1.04 24.03
N THR A 302 -17.01 2.12 23.68
CA THR A 302 -17.48 3.08 22.70
C THR A 302 -17.03 2.74 21.28
N VAL A 303 -17.96 2.76 20.35
CA VAL A 303 -17.68 2.45 18.96
C VAL A 303 -18.50 3.34 18.03
N GLU A 304 -17.91 3.71 16.88
CA GLU A 304 -18.64 4.49 15.90
C GLU A 304 -18.46 3.86 14.52
N ALA A 305 -19.54 3.30 13.96
CA ALA A 305 -19.48 2.63 12.68
C ALA A 305 -19.98 3.43 11.51
N GLU A 306 -19.28 3.35 10.38
CA GLU A 306 -19.71 4.00 9.14
C GLU A 306 -19.14 3.28 7.91
N ALA A 307 -19.61 3.65 6.72
CA ALA A 307 -19.10 3.09 5.47
C ALA A 307 -17.77 3.81 5.17
N ALA A 308 -16.81 3.15 4.52
CA ALA A 308 -15.53 3.79 4.19
C ALA A 308 -15.62 4.77 2.99
N HIS A 309 -16.65 4.66 2.16
CA HIS A 309 -16.84 5.58 1.03
C HIS A 309 -17.54 6.92 1.46
N GLY A 310 -17.73 7.81 0.51
CA GLY A 310 -18.37 9.10 0.75
C GLY A 310 -19.82 9.11 0.32
N THR A 311 -20.34 10.32 0.09
CA THR A 311 -21.76 10.52 -0.21
C THR A 311 -22.20 10.10 -1.64
N VAL A 312 -21.28 9.58 -2.48
CA VAL A 312 -21.54 9.09 -3.86
C VAL A 312 -22.22 10.19 -4.70
N THR A 313 -21.65 11.38 -4.66
CA THR A 313 -22.18 12.55 -5.37
C THR A 313 -22.60 12.31 -6.81
N ARG A 314 -21.74 11.67 -7.61
CA ARG A 314 -22.03 11.38 -9.04
C ARG A 314 -23.35 10.65 -9.21
N HIS A 315 -23.59 9.62 -8.36
CA HIS A 315 -24.83 8.84 -8.36
C HIS A 315 -25.99 9.71 -7.93
N TYR A 316 -25.78 10.57 -6.91
CA TYR A 316 -26.81 11.46 -6.41
C TYR A 316 -27.31 12.42 -7.51
N ARG A 317 -26.39 12.89 -8.39
CA ARG A 317 -26.77 13.80 -9.49
C ARG A 317 -27.64 13.09 -10.48
N MET A 318 -27.32 11.83 -10.79
CA MET A 318 -28.12 11.02 -11.71
C MET A 318 -29.53 10.82 -11.13
N TYR A 319 -29.63 10.48 -9.82
CA TYR A 319 -30.89 10.29 -9.09
C TYR A 319 -31.69 11.59 -9.08
N GLN A 320 -31.01 12.74 -8.86
CA GLN A 320 -31.63 14.06 -8.85
C GLN A 320 -32.29 14.37 -10.20
N LYS A 321 -31.67 13.89 -11.31
CA LYS A 321 -32.19 14.06 -12.68
C LYS A 321 -33.21 12.98 -13.08
N GLY A 322 -33.68 12.16 -12.14
CA GLY A 322 -34.64 11.09 -12.43
C GLY A 322 -34.07 9.89 -13.18
N GLN A 323 -32.72 9.82 -13.31
CA GLN A 323 -32.02 8.72 -13.98
C GLN A 323 -31.76 7.58 -13.01
N GLU A 324 -31.86 6.36 -13.50
CA GLU A 324 -31.63 5.14 -12.73
C GLU A 324 -30.24 5.12 -12.10
N THR A 325 -30.14 4.61 -10.86
CA THR A 325 -28.85 4.49 -10.18
C THR A 325 -28.68 3.08 -9.66
N SER A 326 -27.43 2.67 -9.45
CA SER A 326 -27.13 1.38 -8.89
C SER A 326 -26.05 1.67 -7.88
N THR A 327 -26.44 1.99 -6.64
CA THR A 327 -25.49 2.31 -5.58
C THR A 327 -25.42 1.14 -4.61
N ASN A 328 -24.22 0.70 -4.25
CA ASN A 328 -23.98 -0.41 -3.32
C ASN A 328 -24.29 0.01 -1.84
N PRO A 329 -25.32 -0.60 -1.24
CA PRO A 329 -25.67 -0.23 0.13
C PRO A 329 -24.99 -1.06 1.21
N ILE A 330 -24.21 -2.08 0.84
CA ILE A 330 -23.57 -3.05 1.72
C ILE A 330 -22.77 -2.41 2.81
N ALA A 331 -21.88 -1.49 2.48
CA ALA A 331 -21.06 -0.80 3.47
C ALA A 331 -21.92 -0.06 4.51
N SER A 332 -23.07 0.53 4.07
CA SER A 332 -23.97 1.26 4.97
C SER A 332 -24.78 0.29 5.83
N ILE A 333 -25.17 -0.87 5.26
CA ILE A 333 -25.88 -1.91 6.00
C ILE A 333 -24.91 -2.46 7.09
N PHE A 334 -23.62 -2.65 6.76
CA PHE A 334 -22.66 -3.18 7.73
C PHE A 334 -22.26 -2.19 8.80
N ALA A 335 -22.45 -0.89 8.57
CA ALA A 335 -22.22 0.12 9.61
C ALA A 335 -23.31 -0.13 10.71
N TRP A 336 -24.54 -0.39 10.29
CA TRP A 336 -25.63 -0.71 11.18
C TRP A 336 -25.39 -2.08 11.87
N THR A 337 -25.01 -3.14 11.11
CA THR A 337 -24.81 -4.45 11.72
C THR A 337 -23.67 -4.44 12.71
N ARG A 338 -22.54 -3.72 12.44
CA ARG A 338 -21.44 -3.70 13.41
C ARG A 338 -21.83 -2.98 14.70
N GLY A 339 -22.59 -1.91 14.57
CA GLY A 339 -23.08 -1.15 15.70
C GLY A 339 -24.10 -1.93 16.49
N LEU A 340 -25.01 -2.66 15.80
CA LEU A 340 -26.01 -3.48 16.49
C LEU A 340 -25.31 -4.66 17.19
N ALA A 341 -24.29 -5.25 16.56
CA ALA A 341 -23.53 -6.35 17.18
C ALA A 341 -22.77 -5.85 18.41
N HIS A 342 -22.23 -4.61 18.33
CA HIS A 342 -21.54 -4.05 19.48
C HIS A 342 -22.55 -3.80 20.61
N ARG A 343 -23.71 -3.22 20.29
CA ARG A 343 -24.83 -2.95 21.20
C ARG A 343 -25.27 -4.25 21.92
N ALA A 344 -25.44 -5.34 21.17
CA ALA A 344 -25.82 -6.63 21.71
C ALA A 344 -24.74 -7.17 22.67
N LYS A 345 -23.47 -6.93 22.34
CA LYS A 345 -22.36 -7.40 23.15
C LYS A 345 -22.40 -6.72 24.51
N LEU A 346 -22.61 -5.38 24.53
CA LEU A 346 -22.69 -4.54 25.71
C LEU A 346 -23.86 -4.93 26.64
N ASP A 347 -25.02 -5.22 26.06
CA ASP A 347 -26.23 -5.56 26.80
C ASP A 347 -26.53 -7.07 26.93
N ASN A 348 -25.66 -7.97 26.44
CA ASN A 348 -25.89 -9.43 26.44
C ASN A 348 -27.22 -9.73 25.75
N ASN A 349 -27.48 -9.07 24.62
CA ASN A 349 -28.72 -9.23 23.88
C ASN A 349 -28.59 -10.29 22.78
N LYS A 350 -28.79 -11.57 23.11
CA LYS A 350 -28.71 -12.67 22.14
C LYS A 350 -29.59 -12.48 20.88
N GLU A 351 -30.79 -11.94 21.03
CA GLU A 351 -31.72 -11.70 19.92
C GLU A 351 -31.20 -10.63 18.95
N LEU A 352 -30.61 -9.55 19.50
CA LEU A 352 -30.06 -8.49 18.63
C LEU A 352 -28.79 -8.98 17.97
N ALA A 353 -27.98 -9.79 18.68
CA ALA A 353 -26.77 -10.37 18.14
C ALA A 353 -27.10 -11.27 16.95
N PHE A 354 -28.14 -12.11 17.06
CA PHE A 354 -28.55 -12.97 15.97
C PHE A 354 -29.05 -12.14 14.81
N PHE A 355 -29.86 -11.11 15.07
CA PHE A 355 -30.37 -10.25 14.02
C PHE A 355 -29.23 -9.61 13.18
N ALA A 356 -28.24 -9.00 13.86
CA ALA A 356 -27.10 -8.36 13.20
C ALA A 356 -26.34 -9.40 12.35
N ASN A 357 -26.15 -10.62 12.92
CA ASN A 357 -25.49 -11.71 12.21
C ASN A 357 -26.26 -12.09 10.93
N ALA A 358 -27.58 -12.31 11.06
CA ALA A 358 -28.45 -12.68 9.97
C ALA A 358 -28.50 -11.63 8.87
N LEU A 359 -28.53 -10.33 9.24
CA LEU A 359 -28.54 -9.26 8.22
C LEU A 359 -27.21 -9.28 7.45
N GLU A 360 -26.09 -9.60 8.12
CA GLU A 360 -24.80 -9.68 7.44
C GLU A 360 -24.81 -10.86 6.47
N GLU A 361 -25.25 -12.04 6.92
CA GLU A 361 -25.30 -13.20 6.06
C GLU A 361 -26.22 -13.00 4.86
N VAL A 362 -27.41 -12.36 5.01
CA VAL A 362 -28.36 -12.09 3.90
C VAL A 362 -27.64 -11.26 2.83
N SER A 363 -26.95 -10.18 3.23
CA SER A 363 -26.27 -9.29 2.31
C SER A 363 -25.24 -10.04 1.45
N ILE A 364 -24.38 -10.83 2.14
CA ILE A 364 -23.33 -11.59 1.49
C ILE A 364 -23.93 -12.67 0.60
N GLU A 365 -24.89 -13.40 1.13
CA GLU A 365 -25.54 -14.48 0.41
C GLU A 365 -26.29 -14.01 -0.80
N THR A 366 -26.89 -12.81 -0.76
CA THR A 366 -27.65 -12.23 -1.88
C THR A 366 -26.68 -11.97 -3.03
N ILE A 367 -25.51 -11.37 -2.72
CA ILE A 367 -24.49 -11.08 -3.72
C ILE A 367 -23.99 -12.38 -4.33
N GLU A 368 -23.63 -13.33 -3.47
CA GLU A 368 -23.13 -14.63 -3.85
C GLU A 368 -24.09 -15.36 -4.77
N ALA A 369 -25.40 -15.15 -4.63
CA ALA A 369 -26.39 -15.79 -5.49
C ALA A 369 -26.64 -15.06 -6.81
N GLY A 370 -25.86 -14.04 -7.12
CA GLY A 370 -25.98 -13.32 -8.38
C GLY A 370 -26.79 -12.05 -8.37
N PHE A 371 -27.26 -11.62 -7.20
CA PHE A 371 -28.06 -10.40 -7.09
C PHE A 371 -27.17 -9.34 -6.53
N MET A 372 -26.87 -8.28 -7.31
CA MET A 372 -25.94 -7.26 -6.87
C MET A 372 -26.07 -5.93 -7.66
N THR A 373 -25.37 -4.88 -7.17
CA THR A 373 -25.34 -3.61 -7.83
C THR A 373 -24.27 -3.60 -8.95
N LYS A 374 -24.33 -2.61 -9.85
CA LYS A 374 -23.42 -2.49 -10.99
C LYS A 374 -21.96 -2.55 -10.65
N ASP A 375 -21.50 -1.87 -9.59
CA ASP A 375 -20.10 -1.87 -9.19
C ASP A 375 -19.61 -3.31 -8.93
N LEU A 376 -20.45 -4.15 -8.32
CA LEU A 376 -20.08 -5.54 -8.07
C LEU A 376 -20.12 -6.35 -9.36
N ALA A 377 -21.12 -6.13 -10.22
CA ALA A 377 -21.20 -6.82 -11.51
C ALA A 377 -19.94 -6.50 -12.36
N ALA A 378 -19.40 -5.27 -12.22
CA ALA A 378 -18.18 -4.81 -12.91
C ALA A 378 -16.94 -5.52 -12.40
N CYS A 379 -16.93 -5.98 -11.15
CA CYS A 379 -15.82 -6.71 -10.58
C CYS A 379 -15.73 -8.11 -11.17
N ILE A 380 -16.88 -8.74 -11.48
CA ILE A 380 -16.87 -10.07 -12.04
C ILE A 380 -16.74 -10.10 -13.55
N LYS A 381 -17.50 -9.27 -14.25
CA LYS A 381 -17.50 -9.27 -15.71
C LYS A 381 -16.59 -8.28 -16.39
N GLY A 382 -16.12 -7.29 -15.64
CA GLY A 382 -15.31 -6.23 -16.22
C GLY A 382 -16.28 -5.20 -16.75
N LEU A 383 -16.08 -3.93 -16.37
CA LEU A 383 -16.91 -2.80 -16.76
C LEU A 383 -17.29 -2.77 -18.27
N PRO A 384 -16.40 -3.05 -19.25
CA PRO A 384 -16.84 -3.02 -20.66
C PRO A 384 -17.91 -4.05 -21.04
N ASN A 385 -18.03 -5.17 -20.30
CA ASN A 385 -19.00 -6.20 -20.65
C ASN A 385 -20.16 -6.35 -19.66
N VAL A 386 -20.40 -5.34 -18.82
CA VAL A 386 -21.51 -5.37 -17.89
C VAL A 386 -22.78 -4.94 -18.62
N GLN A 387 -23.81 -5.78 -18.57
CA GLN A 387 -25.11 -5.50 -19.17
C GLN A 387 -26.09 -5.14 -18.06
N ARG A 388 -27.22 -4.52 -18.42
CA ARG A 388 -28.26 -4.18 -17.48
C ARG A 388 -28.81 -5.44 -16.78
N SER A 389 -28.87 -6.57 -17.51
CA SER A 389 -29.35 -7.83 -16.94
C SER A 389 -28.42 -8.43 -15.88
N ASP A 390 -27.22 -7.90 -15.72
CA ASP A 390 -26.26 -8.41 -14.73
C ASP A 390 -26.44 -7.79 -13.37
N TYR A 391 -27.19 -6.67 -13.25
CA TYR A 391 -27.32 -6.04 -11.94
C TYR A 391 -28.73 -5.51 -11.62
N LEU A 392 -28.91 -5.07 -10.39
CA LEU A 392 -30.14 -4.49 -9.91
C LEU A 392 -29.87 -3.02 -9.60
N ASN A 393 -30.90 -2.15 -9.77
CA ASN A 393 -30.72 -0.74 -9.41
C ASN A 393 -30.77 -0.62 -7.87
N THR A 394 -30.52 0.57 -7.31
CA THR A 394 -30.51 0.77 -5.86
C THR A 394 -31.73 0.21 -5.14
N PHE A 395 -32.94 0.57 -5.63
CA PHE A 395 -34.22 0.17 -5.08
C PHE A 395 -34.47 -1.30 -5.27
N GLU A 396 -34.19 -1.85 -6.46
CA GLU A 396 -34.37 -3.27 -6.72
C GLU A 396 -33.48 -4.09 -5.80
N PHE A 397 -32.25 -3.65 -5.56
CA PHE A 397 -31.32 -4.38 -4.69
C PHE A 397 -31.80 -4.41 -3.25
N MET A 398 -32.21 -3.24 -2.73
CA MET A 398 -32.73 -3.09 -1.37
C MET A 398 -33.97 -3.97 -1.19
N ASP A 399 -34.82 -4.04 -2.22
CA ASP A 399 -36.03 -4.87 -2.17
C ASP A 399 -35.70 -6.33 -2.08
N LYS A 400 -34.66 -6.78 -2.80
CA LYS A 400 -34.18 -8.17 -2.81
C LYS A 400 -33.61 -8.53 -1.42
N LEU A 401 -32.93 -7.60 -0.77
CA LEU A 401 -32.38 -7.81 0.57
C LEU A 401 -33.53 -7.92 1.57
N GLY A 402 -34.53 -7.04 1.47
CA GLY A 402 -35.73 -7.06 2.32
C GLY A 402 -36.47 -8.37 2.21
N GLU A 403 -36.67 -8.85 0.98
CA GLU A 403 -37.33 -10.12 0.71
C GLU A 403 -36.52 -11.32 1.31
N ASN A 404 -35.19 -11.35 1.12
CA ASN A 404 -34.36 -12.43 1.67
C ASN A 404 -34.25 -12.39 3.20
N LEU A 405 -34.29 -11.19 3.81
CA LEU A 405 -34.19 -11.04 5.27
C LEU A 405 -35.43 -11.58 5.94
N LYS A 406 -36.59 -11.38 5.32
CA LYS A 406 -37.86 -11.88 5.81
C LYS A 406 -37.83 -13.41 5.79
N ILE A 407 -37.30 -14.00 4.69
CA ILE A 407 -37.20 -15.45 4.52
C ILE A 407 -36.20 -16.06 5.51
N LYS A 408 -35.04 -15.42 5.67
CA LYS A 408 -34.02 -15.88 6.60
C LYS A 408 -34.53 -15.88 8.02
N LEU A 409 -35.20 -14.78 8.45
CA LEU A 409 -35.71 -14.71 9.83
C LEU A 409 -36.85 -15.68 10.09
N ALA A 410 -37.66 -15.96 9.06
CA ALA A 410 -38.75 -16.94 9.22
C ALA A 410 -38.14 -18.33 9.34
N GLN A 411 -37.13 -18.64 8.54
CA GLN A 411 -36.46 -19.93 8.59
C GLN A 411 -35.77 -20.12 9.93
N ALA A 412 -35.19 -19.05 10.50
CA ALA A 412 -34.53 -19.08 11.80
C ALA A 412 -35.50 -19.44 12.94
N LYS A 413 -36.81 -19.15 12.76
CA LYS A 413 -37.82 -19.48 13.78
C LYS A 413 -37.91 -20.98 14.05
N LEU A 414 -37.32 -21.84 13.18
CA LEU A 414 -37.26 -23.29 13.38
C LEU A 414 -36.34 -23.70 14.57
N LEU A 415 -35.57 -22.74 15.15
CA LEU A 415 -34.71 -23.03 16.30
C LEU A 415 -35.60 -22.95 17.57
N LYS B 3 28.90 -16.10 -36.80
CA LYS B 3 29.38 -15.42 -35.60
C LYS B 3 28.22 -14.94 -34.69
N LYS B 4 28.53 -14.70 -33.38
CA LYS B 4 27.62 -14.23 -32.36
C LYS B 4 27.70 -12.71 -32.21
N ILE B 5 26.73 -12.07 -31.53
CA ILE B 5 26.78 -10.62 -31.32
C ILE B 5 27.88 -10.29 -30.30
N SER B 6 28.64 -9.23 -30.55
CA SER B 6 29.69 -8.74 -29.66
C SER B 6 28.89 -7.84 -28.68
N GLY B 7 28.63 -8.34 -27.47
CA GLY B 7 27.81 -7.64 -26.48
C GLY B 7 28.46 -6.56 -25.66
N GLY B 8 29.78 -6.60 -25.53
CA GLY B 8 30.48 -5.61 -24.73
C GLY B 8 30.59 -6.00 -23.27
N SER B 9 30.85 -5.00 -22.44
CA SER B 9 31.12 -5.09 -21.00
C SER B 9 29.89 -5.17 -20.08
N VAL B 10 29.68 -6.34 -19.46
CA VAL B 10 28.54 -6.52 -18.58
C VAL B 10 28.92 -7.15 -17.23
N VAL B 11 28.53 -6.50 -16.11
CA VAL B 11 28.72 -7.01 -14.75
C VAL B 11 27.53 -7.95 -14.42
N GLU B 12 27.82 -9.22 -14.17
CA GLU B 12 26.82 -10.22 -13.87
C GLU B 12 26.96 -10.67 -12.42
N MET B 13 25.86 -10.74 -11.67
CA MET B 13 25.91 -11.16 -10.28
C MET B 13 25.10 -12.44 -10.03
N GLN B 14 25.77 -13.56 -9.74
CA GLN B 14 25.16 -14.86 -9.43
C GLN B 14 24.56 -14.75 -8.00
N GLY B 15 23.51 -15.51 -7.73
CA GLY B 15 22.80 -15.45 -6.46
C GLY B 15 22.55 -16.77 -5.80
N ASP B 16 21.39 -16.91 -5.15
CA ASP B 16 21.09 -18.09 -4.37
C ASP B 16 19.89 -18.94 -4.80
N GLU B 17 19.81 -20.12 -4.22
CA GLU B 17 18.75 -21.11 -4.31
C GLU B 17 18.16 -21.29 -5.74
N MET B 18 16.84 -21.35 -5.91
CA MET B 18 16.20 -21.61 -7.18
C MET B 18 16.54 -20.58 -8.26
N THR B 19 16.64 -19.30 -7.89
CA THR B 19 16.99 -18.28 -8.86
C THR B 19 18.41 -18.47 -9.40
N ARG B 20 19.35 -19.06 -8.60
CA ARG B 20 20.74 -19.36 -9.05
C ARG B 20 20.68 -20.41 -10.18
N ILE B 21 19.79 -21.41 -10.05
CA ILE B 21 19.63 -22.45 -11.07
C ILE B 21 19.03 -21.87 -12.37
N ILE B 22 17.93 -21.09 -12.28
CA ILE B 22 17.33 -20.55 -13.49
C ILE B 22 18.24 -19.46 -14.12
N TRP B 23 19.08 -18.77 -13.31
CA TRP B 23 20.02 -17.76 -13.80
C TRP B 23 21.05 -18.41 -14.72
N GLU B 24 21.54 -19.61 -14.35
CA GLU B 24 22.46 -20.33 -15.21
C GLU B 24 21.78 -20.88 -16.45
N LEU B 25 20.50 -21.26 -16.36
CA LEU B 25 19.75 -21.74 -17.51
C LEU B 25 19.48 -20.59 -18.50
N ILE B 26 19.31 -19.34 -18.00
CA ILE B 26 19.10 -18.17 -18.85
C ILE B 26 20.36 -17.94 -19.65
N LYS B 27 21.54 -18.01 -18.99
CA LYS B 27 22.81 -17.82 -19.68
C LYS B 27 23.08 -18.96 -20.67
N GLU B 28 23.01 -20.20 -20.20
CA GLU B 28 23.27 -21.36 -21.00
C GLU B 28 22.36 -21.46 -22.23
N LYS B 29 21.03 -21.29 -22.07
CA LYS B 29 20.11 -21.45 -23.20
C LYS B 29 19.65 -20.22 -23.93
N LEU B 30 19.70 -19.02 -23.32
CA LEU B 30 19.20 -17.82 -24.00
C LEU B 30 20.22 -16.73 -24.31
N ILE B 31 21.25 -16.57 -23.48
CA ILE B 31 22.23 -15.52 -23.69
C ILE B 31 23.48 -15.97 -24.46
N PHE B 32 24.27 -16.90 -23.90
CA PHE B 32 25.53 -17.36 -24.46
C PHE B 32 25.46 -17.97 -25.89
N PRO B 33 24.40 -18.68 -26.34
CA PRO B 33 24.41 -19.17 -27.74
C PRO B 33 24.30 -18.03 -28.79
N TYR B 34 23.99 -16.79 -28.37
CA TYR B 34 23.83 -15.67 -29.31
C TYR B 34 24.64 -14.44 -28.97
N VAL B 35 25.04 -14.26 -27.71
CA VAL B 35 25.77 -13.04 -27.32
C VAL B 35 27.11 -13.36 -26.62
N GLU B 36 28.21 -12.77 -27.11
CA GLU B 36 29.54 -12.91 -26.52
C GLU B 36 29.78 -11.66 -25.65
N LEU B 37 30.06 -11.85 -24.36
CA LEU B 37 30.26 -10.70 -23.47
C LEU B 37 31.59 -10.69 -22.79
N ASP B 38 32.07 -9.48 -22.45
CA ASP B 38 33.26 -9.27 -21.66
C ASP B 38 32.62 -9.28 -20.28
N LEU B 39 32.28 -10.46 -19.83
CA LEU B 39 31.55 -10.73 -18.59
C LEU B 39 32.37 -10.56 -17.29
N HIS B 40 31.93 -9.64 -16.41
CA HIS B 40 32.54 -9.44 -15.10
C HIS B 40 31.59 -10.15 -14.15
N SER B 41 31.81 -11.46 -13.86
CA SER B 41 30.93 -12.24 -13.00
C SER B 41 31.36 -12.23 -11.57
N TYR B 42 30.39 -11.93 -10.71
CA TYR B 42 30.63 -11.89 -9.29
C TYR B 42 29.65 -12.86 -8.67
N ASP B 43 30.17 -13.74 -7.83
CA ASP B 43 29.34 -14.71 -7.18
C ASP B 43 28.83 -14.13 -5.87
N LEU B 44 27.56 -13.69 -5.88
CA LEU B 44 26.96 -13.15 -4.67
C LEU B 44 26.17 -14.20 -3.89
N GLY B 45 26.54 -15.47 -4.03
CA GLY B 45 25.95 -16.57 -3.28
C GLY B 45 26.30 -16.39 -1.81
N ILE B 46 25.40 -16.80 -0.92
CA ILE B 46 25.52 -16.65 0.52
C ILE B 46 26.80 -17.30 1.08
N GLU B 47 27.20 -18.49 0.60
CA GLU B 47 28.42 -19.16 1.05
C GLU B 47 29.65 -18.35 0.58
N ASN B 48 29.59 -17.78 -0.65
CA ASN B 48 30.71 -16.98 -1.13
C ASN B 48 30.81 -15.63 -0.40
N ARG B 49 29.66 -14.99 -0.11
CA ARG B 49 29.65 -13.72 0.62
C ARG B 49 30.16 -13.97 2.05
N ASP B 50 29.82 -15.14 2.65
CA ASP B 50 30.32 -15.46 3.97
C ASP B 50 31.85 -15.64 3.90
N ALA B 51 32.32 -16.50 2.96
CA ALA B 51 33.76 -16.78 2.73
C ALA B 51 34.61 -15.52 2.50
N THR B 52 34.09 -14.52 1.74
CA THR B 52 34.84 -13.29 1.44
C THR B 52 34.56 -12.15 2.42
N ASN B 53 33.80 -12.38 3.51
CA ASN B 53 33.44 -11.33 4.45
C ASN B 53 32.70 -10.18 3.74
N ASP B 54 31.81 -10.56 2.78
CA ASP B 54 30.99 -9.69 1.96
C ASP B 54 31.80 -8.79 1.02
N GLN B 55 33.11 -9.04 0.86
CA GLN B 55 33.92 -8.24 -0.04
C GLN B 55 33.45 -8.37 -1.47
N VAL B 56 32.92 -9.56 -1.86
CA VAL B 56 32.44 -9.77 -3.21
C VAL B 56 31.34 -8.79 -3.60
N THR B 57 30.49 -8.41 -2.66
CA THR B 57 29.39 -7.50 -2.90
C THR B 57 29.91 -6.10 -3.20
N LYS B 58 30.94 -5.66 -2.45
CA LYS B 58 31.53 -4.34 -2.65
C LYS B 58 32.28 -4.27 -3.98
N ASP B 59 32.98 -5.36 -4.35
CA ASP B 59 33.67 -5.41 -5.63
C ASP B 59 32.69 -5.40 -6.76
N ALA B 60 31.56 -6.14 -6.61
CA ALA B 60 30.50 -6.21 -7.62
C ALA B 60 29.90 -4.81 -7.81
N ALA B 61 29.66 -4.08 -6.71
CA ALA B 61 29.11 -2.73 -6.76
C ALA B 61 30.08 -1.78 -7.49
N GLU B 62 31.41 -1.87 -7.21
CA GLU B 62 32.43 -1.05 -7.89
C GLU B 62 32.54 -1.38 -9.38
N ALA B 63 32.35 -2.65 -9.73
CA ALA B 63 32.39 -3.08 -11.11
C ALA B 63 31.20 -2.45 -11.86
N ILE B 64 30.00 -2.40 -11.25
CA ILE B 64 28.84 -1.76 -11.90
C ILE B 64 29.13 -0.26 -12.12
N LYS B 65 29.78 0.40 -11.16
CA LYS B 65 30.12 1.81 -11.28
C LYS B 65 31.08 2.02 -12.47
N LYS B 66 32.04 1.14 -12.62
CA LYS B 66 33.02 1.17 -13.69
C LYS B 66 32.47 0.79 -15.09
N HIS B 67 31.69 -0.30 -15.19
CA HIS B 67 31.21 -0.77 -16.48
C HIS B 67 29.80 -0.36 -16.86
N ASN B 68 29.10 0.38 -15.97
CA ASN B 68 27.76 0.96 -16.15
C ASN B 68 26.58 0.01 -16.23
N VAL B 69 26.80 -1.30 -16.38
CA VAL B 69 25.71 -2.27 -16.52
C VAL B 69 25.83 -3.44 -15.53
N GLY B 70 24.86 -3.58 -14.64
CA GLY B 70 24.82 -4.67 -13.70
C GLY B 70 23.55 -5.48 -13.89
N VAL B 71 23.66 -6.82 -13.88
CA VAL B 71 22.50 -7.72 -13.97
C VAL B 71 22.63 -8.66 -12.79
N LYS B 72 21.69 -8.59 -11.84
CA LYS B 72 21.77 -9.36 -10.62
C LYS B 72 20.71 -10.43 -10.43
N CYS B 73 21.16 -11.58 -9.93
CA CYS B 73 20.32 -12.73 -9.57
C CYS B 73 19.81 -12.47 -8.11
N ALA B 74 18.63 -12.97 -7.73
CA ALA B 74 18.12 -12.79 -6.37
C ALA B 74 19.07 -13.45 -5.32
N THR B 75 19.30 -12.75 -4.21
CA THR B 75 20.18 -13.23 -3.16
C THR B 75 19.46 -13.32 -1.80
N ILE B 76 19.94 -14.21 -0.91
CA ILE B 76 19.41 -14.38 0.42
C ILE B 76 19.92 -13.24 1.31
N THR B 77 19.00 -12.54 1.98
CA THR B 77 19.38 -11.49 2.93
C THR B 77 19.31 -12.24 4.25
N PRO B 78 20.45 -12.43 4.91
CA PRO B 78 20.45 -13.20 6.16
C PRO B 78 19.60 -12.68 7.33
N ASP B 79 19.01 -13.63 8.03
CA ASP B 79 18.24 -13.48 9.25
C ASP B 79 18.78 -14.56 10.22
N GLU B 80 18.33 -14.59 11.49
CA GLU B 80 18.80 -15.60 12.45
C GLU B 80 18.66 -17.04 11.94
N LYS B 81 17.61 -17.36 11.17
CA LYS B 81 17.43 -18.71 10.65
C LYS B 81 18.51 -19.06 9.62
N ARG B 82 18.82 -18.11 8.70
CA ARG B 82 19.86 -18.30 7.67
C ARG B 82 21.23 -18.43 8.30
N VAL B 83 21.50 -17.69 9.39
CA VAL B 83 22.76 -17.72 10.14
C VAL B 83 22.93 -19.14 10.65
N GLU B 84 21.88 -19.72 11.25
CA GLU B 84 21.91 -21.08 11.75
C GLU B 84 22.04 -22.09 10.58
N GLU B 85 21.28 -21.90 9.49
CA GLU B 85 21.30 -22.80 8.33
C GLU B 85 22.68 -22.89 7.64
N PHE B 86 23.27 -21.75 7.32
CA PHE B 86 24.58 -21.74 6.63
C PHE B 86 25.76 -21.59 7.58
N LYS B 87 25.52 -21.48 8.88
CA LYS B 87 26.57 -21.29 9.88
C LYS B 87 27.39 -20.04 9.57
N LEU B 88 26.69 -18.94 9.17
CA LEU B 88 27.29 -17.66 8.81
C LEU B 88 28.10 -17.04 9.95
N LYS B 89 29.06 -16.18 9.60
CA LYS B 89 29.91 -15.49 10.58
C LYS B 89 29.22 -14.24 11.16
N GLN B 90 28.39 -13.60 10.34
CA GLN B 90 27.66 -12.38 10.68
C GLN B 90 26.27 -12.44 10.02
N MET B 91 25.39 -11.50 10.36
CA MET B 91 24.10 -11.39 9.72
C MET B 91 24.39 -10.40 8.62
N TRP B 92 25.03 -10.86 7.53
CA TRP B 92 25.44 -10.02 6.40
C TRP B 92 24.32 -9.10 5.90
N LYS B 93 24.65 -7.84 5.65
CA LYS B 93 23.67 -6.87 5.16
C LYS B 93 23.16 -7.29 3.77
N SER B 94 21.97 -6.81 3.41
CA SER B 94 21.36 -7.06 2.10
C SER B 94 22.30 -6.62 0.98
N PRO B 95 22.62 -7.53 0.06
CA PRO B 95 23.52 -7.15 -1.05
C PRO B 95 22.97 -5.96 -1.84
N ASN B 96 21.65 -5.91 -2.02
CA ASN B 96 20.90 -4.87 -2.72
C ASN B 96 21.10 -3.51 -2.06
N GLY B 97 21.10 -3.49 -0.74
CA GLY B 97 21.31 -2.27 0.03
C GLY B 97 22.74 -1.78 -0.18
N THR B 98 23.72 -2.69 -0.07
CA THR B 98 25.13 -2.37 -0.27
C THR B 98 25.37 -1.82 -1.67
N ILE B 99 24.79 -2.46 -2.69
CA ILE B 99 24.94 -2.03 -4.07
C ILE B 99 24.33 -0.64 -4.24
N ARG B 100 23.09 -0.46 -3.74
CA ARG B 100 22.36 0.79 -3.77
C ARG B 100 23.10 1.92 -3.05
N ASN B 101 23.75 1.61 -1.92
CA ASN B 101 24.47 2.60 -1.14
C ASN B 101 25.69 3.13 -1.93
N ILE B 102 26.41 2.24 -2.60
CA ILE B 102 27.57 2.63 -3.37
C ILE B 102 27.18 3.32 -4.69
N LEU B 103 26.13 2.82 -5.34
CA LEU B 103 25.70 3.36 -6.63
C LEU B 103 24.84 4.62 -6.56
N GLY B 104 23.90 4.65 -5.63
CA GLY B 104 22.93 5.72 -5.55
C GLY B 104 21.90 5.52 -6.67
N GLY B 105 20.93 6.43 -6.77
CA GLY B 105 19.93 6.32 -7.83
C GLY B 105 18.48 6.15 -7.42
N THR B 106 17.65 5.80 -8.39
CA THR B 106 16.23 5.62 -8.18
C THR B 106 15.81 4.23 -8.64
N VAL B 107 14.99 3.55 -7.84
CA VAL B 107 14.53 2.23 -8.20
C VAL B 107 13.20 2.29 -8.95
N PHE B 108 13.15 1.68 -10.13
CA PHE B 108 11.91 1.63 -10.90
C PHE B 108 11.45 0.21 -11.02
N ARG B 109 10.19 -0.07 -10.68
CA ARG B 109 9.62 -1.41 -10.81
C ARG B 109 8.65 -1.45 -11.95
N GLU B 110 8.69 -2.50 -12.75
CA GLU B 110 7.82 -2.61 -13.91
C GLU B 110 7.34 -4.02 -14.05
N ALA B 111 6.04 -4.19 -14.29
CA ALA B 111 5.47 -5.51 -14.48
C ALA B 111 5.59 -5.90 -15.95
N ILE B 112 5.65 -7.21 -16.19
CA ILE B 112 5.73 -7.78 -17.54
C ILE B 112 4.29 -8.15 -17.82
N ILE B 113 3.67 -7.52 -18.82
CA ILE B 113 2.28 -7.78 -19.13
C ILE B 113 2.08 -8.79 -20.21
N CYS B 114 1.31 -9.80 -19.89
CA CYS B 114 0.91 -10.86 -20.81
C CYS B 114 -0.60 -10.71 -20.83
N LYS B 115 -1.16 -10.36 -22.00
CA LYS B 115 -2.59 -10.11 -22.18
C LYS B 115 -3.51 -11.24 -21.67
N ASN B 116 -3.02 -12.48 -21.59
CA ASN B 116 -3.81 -13.61 -21.09
C ASN B 116 -3.66 -13.88 -19.61
N ILE B 117 -2.92 -13.03 -18.89
CA ILE B 117 -2.69 -13.20 -17.47
C ILE B 117 -3.52 -12.19 -16.68
N PRO B 118 -4.32 -12.66 -15.72
CA PRO B 118 -5.15 -11.74 -14.92
C PRO B 118 -4.40 -10.58 -14.23
N ARG B 119 -5.04 -9.40 -14.23
CA ARG B 119 -4.49 -8.20 -13.61
C ARG B 119 -5.47 -7.64 -12.60
N LEU B 120 -4.91 -6.90 -11.60
CA LEU B 120 -5.67 -6.24 -10.52
C LEU B 120 -6.70 -5.29 -11.16
N VAL B 121 -6.20 -4.46 -12.09
CA VAL B 121 -6.98 -3.53 -12.87
C VAL B 121 -6.88 -4.04 -14.32
N SER B 122 -7.94 -4.73 -14.79
CA SER B 122 -8.07 -5.33 -16.12
C SER B 122 -7.86 -4.34 -17.28
N GLY B 123 -8.12 -3.06 -17.02
CA GLY B 123 -7.94 -2.00 -18.00
C GLY B 123 -6.48 -1.72 -18.29
N TRP B 124 -5.60 -2.01 -17.32
CA TRP B 124 -4.18 -1.80 -17.51
C TRP B 124 -3.68 -2.83 -18.50
N VAL B 125 -3.38 -2.33 -19.69
CA VAL B 125 -2.91 -3.09 -20.83
C VAL B 125 -1.44 -2.77 -21.14
N LYS B 126 -1.00 -1.57 -20.83
CA LYS B 126 0.37 -1.11 -21.02
C LYS B 126 0.99 -1.06 -19.61
N PRO B 127 2.26 -1.46 -19.47
CA PRO B 127 2.87 -1.50 -18.13
C PRO B 127 3.00 -0.15 -17.42
N ILE B 128 2.82 -0.16 -16.11
CA ILE B 128 2.97 1.03 -15.28
C ILE B 128 4.34 0.85 -14.62
N ILE B 129 5.19 1.88 -14.66
CA ILE B 129 6.51 1.80 -14.03
C ILE B 129 6.47 2.67 -12.78
N ILE B 130 6.70 2.10 -11.60
CA ILE B 130 6.66 2.87 -10.35
C ILE B 130 8.02 3.08 -9.73
N GLY B 131 8.37 4.33 -9.53
CA GLY B 131 9.65 4.69 -8.97
C GLY B 131 9.60 5.43 -7.65
N HIS B 132 10.53 5.09 -6.77
CA HIS B 132 10.72 5.69 -5.45
C HIS B 132 12.22 6.00 -5.35
N HIS B 133 12.61 7.15 -4.78
CA HIS B 133 14.05 7.46 -4.68
C HIS B 133 14.75 6.65 -3.56
N ALA B 134 16.00 6.22 -3.82
CA ALA B 134 16.79 5.43 -2.86
C ALA B 134 17.75 6.30 -2.05
N TYR B 135 18.16 5.82 -0.86
CA TYR B 135 19.08 6.55 0.01
C TYR B 135 20.48 6.74 -0.63
N GLN B 138 13.59 8.61 5.48
CA GLN B 138 13.35 7.87 6.71
C GLN B 138 14.60 7.12 7.20
N TYR B 139 15.51 6.74 6.27
CA TYR B 139 16.75 6.06 6.65
C TYR B 139 17.62 7.07 7.41
N ARG B 140 17.75 8.28 6.84
CA ARG B 140 18.49 9.36 7.46
C ARG B 140 17.46 10.35 8.11
N ALA B 141 16.94 9.90 9.26
CA ALA B 141 15.99 10.59 10.12
C ALA B 141 16.52 10.43 11.52
N THR B 142 16.46 11.49 12.32
CA THR B 142 16.96 11.47 13.68
C THR B 142 15.80 11.38 14.60
N ASP B 143 15.52 10.19 15.09
CA ASP B 143 14.42 9.96 16.00
C ASP B 143 14.92 9.78 17.43
N PHE B 144 14.07 10.07 18.41
CA PHE B 144 14.43 9.91 19.79
C PHE B 144 13.23 9.84 20.72
N VAL B 145 13.45 9.35 21.94
CA VAL B 145 12.45 9.25 22.98
C VAL B 145 12.39 10.57 23.72
N VAL B 146 11.17 11.04 24.00
CA VAL B 146 10.88 12.24 24.78
C VAL B 146 10.48 11.59 26.09
N PRO B 147 11.37 11.67 27.10
CA PRO B 147 11.11 10.94 28.35
C PRO B 147 10.04 11.54 29.26
N GLY B 148 9.76 12.82 29.09
CA GLY B 148 8.78 13.49 29.91
C GLY B 148 8.39 14.84 29.36
N PRO B 149 7.66 15.61 30.18
CA PRO B 149 7.22 16.93 29.73
C PRO B 149 8.36 17.84 29.31
N GLY B 150 8.09 18.67 28.32
CA GLY B 150 9.06 19.61 27.80
C GLY B 150 8.78 19.99 26.38
N LYS B 151 9.56 20.95 25.85
CA LYS B 151 9.31 21.35 24.47
C LYS B 151 10.31 20.79 23.51
N VAL B 152 9.81 20.43 22.33
CA VAL B 152 10.61 19.92 21.23
C VAL B 152 10.58 21.02 20.19
N GLU B 153 11.74 21.51 19.81
CA GLU B 153 11.88 22.58 18.85
C GLU B 153 12.80 22.16 17.74
N ILE B 154 12.57 22.69 16.53
CA ILE B 154 13.42 22.44 15.40
C ILE B 154 13.94 23.79 14.91
N THR B 155 15.26 23.90 14.85
CA THR B 155 15.92 25.11 14.49
C THR B 155 16.74 24.98 13.22
N TYR B 156 16.77 26.05 12.43
CA TYR B 156 17.57 26.12 11.23
C TYR B 156 18.55 27.30 11.41
N THR B 157 19.86 27.04 11.36
CA THR B 157 20.84 28.12 11.48
C THR B 157 21.70 28.19 10.23
N PRO B 158 21.49 29.19 9.36
CA PRO B 158 22.33 29.31 8.15
C PRO B 158 23.81 29.44 8.48
N SER B 159 24.67 29.06 7.53
CA SER B 159 26.12 29.10 7.70
C SER B 159 26.72 30.45 8.18
N ASP B 160 26.12 31.60 7.79
CA ASP B 160 26.63 32.90 8.24
C ASP B 160 26.18 33.28 9.68
N GLY B 161 25.18 32.59 10.23
CA GLY B 161 24.67 32.86 11.57
C GLY B 161 23.33 33.57 11.62
N THR B 162 23.12 34.52 10.68
CA THR B 162 21.89 35.33 10.55
C THR B 162 20.69 34.49 10.01
N GLN B 163 19.45 35.03 10.08
CA GLN B 163 18.21 34.42 9.60
C GLN B 163 17.92 33.05 10.19
N LYS B 164 18.27 32.89 11.48
CA LYS B 164 18.01 31.65 12.20
C LYS B 164 16.50 31.58 12.50
N VAL B 165 15.89 30.39 12.35
CA VAL B 165 14.45 30.23 12.62
C VAL B 165 14.25 29.07 13.56
N THR B 166 13.37 29.21 14.55
CA THR B 166 13.05 28.16 15.50
C THR B 166 11.58 27.89 15.42
N TYR B 167 11.20 26.63 15.30
CA TYR B 167 9.80 26.23 15.24
C TYR B 167 9.52 25.28 16.38
N LEU B 168 8.39 25.44 17.04
CA LEU B 168 7.98 24.52 18.09
C LEU B 168 7.37 23.30 17.36
N VAL B 169 7.86 22.09 17.65
CA VAL B 169 7.32 20.88 17.07
C VAL B 169 6.13 20.51 17.97
N HIS B 170 6.36 20.44 19.29
CA HIS B 170 5.31 20.13 20.25
C HIS B 170 5.76 20.47 21.66
N ASN B 171 4.81 20.86 22.48
CA ASN B 171 5.06 21.10 23.88
C ASN B 171 4.38 19.92 24.60
N PHE B 172 5.16 18.97 25.11
CA PHE B 172 4.65 17.79 25.78
C PHE B 172 4.30 18.24 27.20
N GLU B 173 3.04 18.16 27.60
CA GLU B 173 2.62 18.66 28.91
C GLU B 173 2.15 17.60 29.88
N GLU B 174 1.60 16.50 29.38
CA GLU B 174 1.08 15.46 30.24
C GLU B 174 1.95 14.21 30.33
N GLY B 175 3.17 14.24 29.81
CA GLY B 175 4.05 13.08 29.84
C GLY B 175 5.01 13.05 28.66
N GLY B 176 5.54 11.88 28.37
CA GLY B 176 6.50 11.72 27.29
C GLY B 176 5.94 11.25 25.95
N GLY B 177 6.82 10.73 25.14
CA GLY B 177 6.48 10.23 23.83
C GLY B 177 7.71 10.05 23.00
N VAL B 178 7.61 10.38 21.71
CA VAL B 178 8.72 10.28 20.75
C VAL B 178 8.70 11.51 19.83
N ALA B 179 9.80 11.77 19.16
CA ALA B 179 9.91 12.88 18.21
C ALA B 179 11.05 12.57 17.22
N MET B 180 11.01 13.20 16.04
CA MET B 180 12.04 13.01 15.04
C MET B 180 12.21 14.15 14.07
N GLY B 181 13.42 14.25 13.53
CA GLY B 181 13.78 15.24 12.53
C GLY B 181 14.08 14.51 11.24
N MET B 182 13.57 15.02 10.14
CA MET B 182 13.75 14.43 8.82
C MET B 182 14.10 15.55 7.88
N TYR B 183 14.83 15.25 6.83
CA TYR B 183 15.24 16.26 5.86
C TYR B 183 15.35 15.65 4.50
N ASN B 184 15.54 16.52 3.50
CA ASN B 184 15.77 16.08 2.17
C ASN B 184 16.60 17.14 1.49
N GLN B 185 17.77 16.76 1.00
CA GLN B 185 18.64 17.68 0.29
C GLN B 185 18.09 17.90 -1.11
N ASP B 186 18.32 19.10 -1.68
CA ASP B 186 17.87 19.43 -3.02
C ASP B 186 18.49 18.50 -4.05
N LYS B 187 19.77 18.14 -3.86
CA LYS B 187 20.50 17.25 -4.75
C LYS B 187 19.79 15.91 -4.92
N SER B 188 19.25 15.33 -3.83
CA SER B 188 18.52 14.06 -3.87
C SER B 188 17.20 14.18 -4.62
N ILE B 189 16.56 15.32 -4.52
CA ILE B 189 15.30 15.56 -5.23
C ILE B 189 15.61 15.71 -6.73
N GLU B 190 16.68 16.45 -7.08
CA GLU B 190 17.13 16.63 -8.47
C GLU B 190 17.55 15.30 -9.09
N ASP B 191 18.23 14.43 -8.30
CA ASP B 191 18.65 13.13 -8.79
C ASP B 191 17.39 12.30 -9.12
N PHE B 192 16.39 12.32 -8.21
CA PHE B 192 15.12 11.62 -8.37
C PHE B 192 14.42 12.14 -9.65
N ALA B 193 14.41 13.47 -9.87
CA ALA B 193 13.79 14.03 -11.07
C ALA B 193 14.54 13.55 -12.32
N HIS B 194 15.89 13.68 -12.36
CA HIS B 194 16.70 13.22 -13.48
C HIS B 194 16.47 11.75 -13.82
N SER B 195 16.59 10.83 -12.82
CA SER B 195 16.35 9.40 -13.05
C SER B 195 14.93 9.16 -13.60
N SER B 196 13.96 9.97 -13.16
CA SER B 196 12.60 9.84 -13.63
C SER B 196 12.41 10.34 -15.07
N PHE B 197 12.99 11.48 -15.42
CA PHE B 197 12.88 12.05 -16.77
C PHE B 197 13.62 11.16 -17.77
N GLN B 198 14.83 10.71 -17.40
CA GLN B 198 15.66 9.81 -18.19
C GLN B 198 15.00 8.44 -18.36
N MET B 199 14.20 8.01 -17.38
CA MET B 199 13.49 6.74 -17.46
C MET B 199 12.33 6.88 -18.45
N ALA B 200 11.56 7.98 -18.33
CA ALA B 200 10.44 8.25 -19.22
C ALA B 200 10.91 8.45 -20.66
N LEU B 201 12.14 8.95 -20.87
CA LEU B 201 12.67 9.15 -22.21
C LEU B 201 13.06 7.81 -22.83
N SER B 202 13.79 6.96 -22.08
CA SER B 202 14.20 5.65 -22.58
C SER B 202 13.02 4.69 -22.82
N LYS B 203 11.86 4.96 -22.21
CA LYS B 203 10.68 4.13 -22.40
C LYS B 203 9.71 4.72 -23.45
N GLY B 204 9.63 6.04 -23.49
CA GLY B 204 8.75 6.74 -24.43
C GLY B 204 7.34 6.86 -23.89
N TRP B 205 7.20 7.06 -22.57
CA TRP B 205 5.90 7.20 -21.91
C TRP B 205 5.80 8.50 -21.11
N PRO B 206 4.58 8.97 -20.80
CA PRO B 206 4.46 10.20 -19.99
C PRO B 206 4.87 9.96 -18.53
N LEU B 207 5.35 11.02 -17.85
CA LEU B 207 5.76 10.92 -16.45
C LEU B 207 4.82 11.71 -15.52
N TYR B 208 4.45 11.09 -14.41
CA TYR B 208 3.59 11.68 -13.41
C TYR B 208 4.26 11.58 -12.03
N LEU B 209 4.37 12.71 -11.29
CA LEU B 209 4.91 12.73 -9.94
C LEU B 209 3.72 12.94 -8.99
N SER B 210 3.65 12.18 -7.88
CA SER B 210 2.56 12.35 -6.92
C SER B 210 3.07 12.69 -5.51
N THR B 211 2.59 13.81 -4.94
CA THR B 211 3.01 14.22 -3.59
C THR B 211 1.75 14.47 -2.69
N LYS B 212 1.95 14.99 -1.45
CA LYS B 212 0.89 15.36 -0.52
C LYS B 212 1.14 16.84 -0.18
N ASN B 213 1.32 17.68 -1.22
CA ASN B 213 1.59 19.12 -1.06
C ASN B 213 0.49 19.90 -0.33
N THR B 214 -0.62 19.24 0.02
CA THR B 214 -1.74 19.83 0.76
C THR B 214 -1.50 19.63 2.28
N ILE B 215 -0.86 18.50 2.67
CA ILE B 215 -0.53 18.16 4.07
C ILE B 215 0.87 18.71 4.39
N LEU B 216 1.85 18.43 3.53
CA LEU B 216 3.21 18.94 3.71
C LEU B 216 3.44 19.97 2.62
N LYS B 217 2.87 21.16 2.83
CA LYS B 217 2.95 22.26 1.88
C LYS B 217 4.37 22.61 1.46
N LYS B 218 5.28 22.72 2.44
CA LYS B 218 6.66 23.09 2.18
C LYS B 218 7.55 21.92 1.79
N TYR B 219 7.39 20.81 2.49
CA TYR B 219 8.20 19.63 2.26
C TYR B 219 7.95 19.01 0.90
N ASP B 220 6.69 18.68 0.58
CA ASP B 220 6.38 18.08 -0.72
C ASP B 220 6.29 19.12 -1.84
N GLY B 221 6.13 20.40 -1.49
CA GLY B 221 6.08 21.48 -2.46
C GLY B 221 7.42 21.65 -3.14
N ARG B 222 8.55 21.40 -2.41
CA ARG B 222 9.87 21.51 -3.05
C ARG B 222 10.14 20.38 -4.05
N PHE B 223 9.42 19.25 -3.91
CA PHE B 223 9.53 18.15 -4.85
C PHE B 223 8.81 18.57 -6.12
N LYS B 224 7.57 19.10 -6.00
CA LYS B 224 6.78 19.55 -7.14
C LYS B 224 7.54 20.63 -7.91
N ASP B 225 8.07 21.65 -7.20
CA ASP B 225 8.83 22.74 -7.80
C ASP B 225 10.12 22.27 -8.49
N ILE B 226 10.96 21.47 -7.81
CA ILE B 226 12.22 21.00 -8.42
C ILE B 226 11.97 20.18 -9.71
N PHE B 227 10.98 19.28 -9.69
CA PHE B 227 10.66 18.46 -10.86
C PHE B 227 10.21 19.37 -12.02
N GLN B 228 9.40 20.39 -11.76
CA GLN B 228 8.97 21.31 -12.81
C GLN B 228 10.15 22.13 -13.34
N GLU B 229 11.00 22.66 -12.45
CA GLU B 229 12.16 23.46 -12.88
C GLU B 229 13.10 22.65 -13.77
N ILE B 230 13.34 21.36 -13.44
CA ILE B 230 14.22 20.52 -14.27
C ILE B 230 13.54 20.13 -15.58
N TYR B 231 12.21 19.98 -15.56
CA TYR B 231 11.45 19.64 -16.75
C TYR B 231 11.56 20.79 -17.77
N ASP B 232 11.19 22.02 -17.38
CA ASP B 232 11.26 23.20 -18.26
C ASP B 232 12.67 23.56 -18.72
N LYS B 233 13.65 23.54 -17.82
CA LYS B 233 15.01 23.92 -18.19
C LYS B 233 15.87 22.82 -18.82
N GLN B 234 15.46 21.53 -18.78
CA GLN B 234 16.31 20.47 -19.35
C GLN B 234 15.63 19.33 -20.10
N TYR B 235 14.29 19.17 -20.04
CA TYR B 235 13.66 18.01 -20.69
C TYR B 235 12.46 18.28 -21.61
N LYS B 236 11.70 19.38 -21.39
CA LYS B 236 10.52 19.73 -22.17
C LYS B 236 10.64 19.54 -23.70
N SER B 237 11.79 19.94 -24.29
CA SER B 237 11.97 19.77 -25.73
C SER B 237 12.13 18.29 -26.11
N GLN B 238 12.95 17.54 -25.34
CA GLN B 238 13.17 16.12 -25.57
C GLN B 238 11.88 15.31 -25.42
N PHE B 239 11.00 15.72 -24.48
CA PHE B 239 9.72 15.05 -24.26
C PHE B 239 8.79 15.32 -25.42
N GLU B 240 8.76 16.57 -25.92
CA GLU B 240 7.92 16.95 -27.05
C GLU B 240 8.37 16.22 -28.33
N ALA B 241 9.70 16.02 -28.48
CA ALA B 241 10.30 15.30 -29.62
C ALA B 241 9.98 13.77 -29.62
N GLN B 242 9.40 13.26 -28.52
CA GLN B 242 8.99 11.87 -28.36
C GLN B 242 7.47 11.75 -27.99
N LYS B 243 6.70 12.85 -28.20
CA LYS B 243 5.25 13.00 -27.99
C LYS B 243 4.76 12.66 -26.58
N ILE B 244 5.60 12.84 -25.56
CA ILE B 244 5.22 12.56 -24.17
C ILE B 244 5.15 13.86 -23.32
N TRP B 245 4.73 13.77 -22.04
CA TRP B 245 4.60 14.94 -21.20
C TRP B 245 4.76 14.66 -19.70
N TYR B 246 5.11 15.68 -18.91
CA TYR B 246 5.23 15.53 -17.46
C TYR B 246 4.13 16.34 -16.77
N GLU B 247 3.53 15.79 -15.72
CA GLU B 247 2.50 16.47 -14.95
C GLU B 247 2.53 16.01 -13.49
N HIS B 248 2.25 16.92 -12.54
CA HIS B 248 2.20 16.57 -11.11
C HIS B 248 0.74 16.27 -10.76
N ARG B 249 0.51 15.37 -9.80
CA ARG B 249 -0.84 15.02 -9.34
C ARG B 249 -0.84 14.78 -7.84
N LEU B 250 -1.98 15.04 -7.17
CA LEU B 250 -2.08 14.76 -5.74
C LEU B 250 -2.32 13.24 -5.63
N ILE B 251 -1.76 12.57 -4.62
CA ILE B 251 -1.92 11.11 -4.49
C ILE B 251 -3.39 10.60 -4.53
N ASP B 252 -4.34 11.32 -3.91
CA ASP B 252 -5.75 10.93 -3.92
C ASP B 252 -6.35 11.00 -5.33
N ASP B 253 -5.96 12.04 -6.07
CA ASP B 253 -6.40 12.29 -7.43
C ASP B 253 -5.70 11.33 -8.42
N MET B 254 -4.42 11.00 -8.18
CA MET B 254 -3.56 10.13 -8.99
C MET B 254 -4.03 8.68 -8.98
N VAL B 255 -4.38 8.15 -7.80
CA VAL B 255 -4.85 6.77 -7.67
C VAL B 255 -6.17 6.62 -8.44
N ALA B 256 -7.09 7.57 -8.27
CA ALA B 256 -8.38 7.56 -8.95
C ALA B 256 -8.25 7.61 -10.47
N GLN B 257 -7.39 8.50 -11.00
CA GLN B 257 -7.21 8.61 -12.45
C GLN B 257 -6.53 7.36 -13.04
N ALA B 258 -5.59 6.75 -12.29
CA ALA B 258 -4.85 5.56 -12.70
C ALA B 258 -5.76 4.36 -12.96
N MET B 259 -6.83 4.19 -12.14
CA MET B 259 -7.80 3.10 -12.30
C MET B 259 -8.55 3.23 -13.62
N LYS B 260 -8.87 4.47 -14.02
CA LYS B 260 -9.58 4.72 -15.27
C LYS B 260 -8.67 4.83 -16.50
N SER B 261 -7.38 4.50 -16.35
CA SER B 261 -6.39 4.58 -17.43
C SER B 261 -5.99 3.20 -17.97
N GLU B 262 -5.33 3.15 -19.12
CA GLU B 262 -4.84 1.89 -19.68
C GLU B 262 -3.34 1.62 -19.37
N GLY B 263 -2.80 2.32 -18.37
CA GLY B 263 -1.40 2.22 -17.97
C GLY B 263 -0.47 2.81 -19.01
N GLY B 264 0.82 2.56 -18.86
CA GLY B 264 1.80 3.04 -19.83
C GLY B 264 2.32 4.41 -19.48
N PHE B 265 2.72 4.56 -18.23
CA PHE B 265 3.26 5.80 -17.74
C PHE B 265 4.32 5.52 -16.66
N ILE B 266 5.16 6.52 -16.38
CA ILE B 266 6.15 6.41 -15.32
C ILE B 266 5.50 7.17 -14.16
N TRP B 267 5.46 6.56 -12.99
CA TRP B 267 4.86 7.16 -11.80
C TRP B 267 5.90 7.28 -10.69
N ALA B 268 6.34 8.53 -10.44
CA ALA B 268 7.30 8.86 -9.42
C ALA B 268 6.55 9.13 -8.13
N CYS B 269 6.78 8.30 -7.13
CA CYS B 269 6.14 8.37 -5.82
C CYS B 269 7.08 8.97 -4.78
N LYS B 270 6.58 9.95 -4.02
CA LYS B 270 7.35 10.59 -2.97
C LYS B 270 7.45 9.66 -1.74
N ASN B 271 6.31 9.15 -1.23
CA ASN B 271 6.34 8.24 -0.08
C ASN B 271 6.02 6.81 -0.49
N LEU B 288 4.32 -12.79 -9.40
CA LEU B 288 5.52 -12.24 -8.77
C LEU B 288 6.78 -12.44 -9.64
N GLY B 289 6.81 -13.53 -10.40
CA GLY B 289 7.92 -13.80 -11.31
C GLY B 289 7.78 -13.04 -12.63
N MET B 290 6.98 -11.93 -12.63
CA MET B 290 6.68 -11.06 -13.77
C MET B 290 6.90 -9.58 -13.39
N MET B 291 7.93 -9.27 -12.61
CA MET B 291 8.22 -7.89 -12.22
C MET B 291 9.69 -7.62 -12.09
N THR B 292 10.15 -6.53 -12.69
CA THR B 292 11.55 -6.16 -12.63
C THR B 292 11.81 -5.00 -11.67
N SER B 293 13.05 -4.83 -11.29
CA SER B 293 13.50 -3.79 -10.39
C SER B 293 14.78 -3.30 -11.03
N VAL B 294 14.80 -2.03 -11.46
CA VAL B 294 15.93 -1.43 -12.12
C VAL B 294 16.40 -0.17 -11.37
N LEU B 295 17.64 -0.18 -10.90
CA LEU B 295 18.24 0.96 -10.23
C LEU B 295 18.81 1.84 -11.36
N VAL B 296 18.31 3.07 -11.50
CA VAL B 296 18.73 4.03 -12.53
C VAL B 296 19.44 5.16 -11.83
N CYS B 297 20.74 5.25 -12.05
CA CYS B 297 21.56 6.28 -11.43
C CYS B 297 21.29 7.61 -12.07
N PRO B 298 21.46 8.69 -11.30
CA PRO B 298 21.16 10.02 -11.86
C PRO B 298 21.93 10.35 -13.14
N ASP B 299 23.22 9.93 -13.24
CA ASP B 299 24.10 10.14 -14.39
C ASP B 299 23.49 9.75 -15.73
N GLY B 300 22.47 8.89 -15.72
CA GLY B 300 21.84 8.44 -16.96
C GLY B 300 22.67 7.43 -17.73
N LYS B 301 23.80 7.02 -17.13
CA LYS B 301 24.80 6.11 -17.68
C LYS B 301 24.75 4.72 -17.01
N THR B 302 24.67 4.66 -15.67
CA THR B 302 24.71 3.43 -14.88
C THR B 302 23.33 2.85 -14.49
N VAL B 303 23.11 1.59 -14.84
CA VAL B 303 21.87 0.88 -14.56
C VAL B 303 22.16 -0.52 -13.95
N GLU B 304 21.34 -0.96 -13.00
CA GLU B 304 21.48 -2.26 -12.39
C GLU B 304 20.10 -2.89 -12.41
N ALA B 305 19.93 -3.99 -13.12
CA ALA B 305 18.64 -4.65 -13.22
C ALA B 305 18.61 -5.98 -12.46
N GLU B 306 17.45 -6.31 -11.91
CA GLU B 306 17.22 -7.58 -11.20
C GLU B 306 15.73 -7.89 -11.13
N ALA B 307 15.38 -9.14 -10.84
CA ALA B 307 13.96 -9.51 -10.68
C ALA B 307 13.48 -8.95 -9.38
N ALA B 308 12.20 -8.53 -9.32
CA ALA B 308 11.65 -8.01 -8.08
C ALA B 308 10.97 -9.12 -7.27
N HIS B 309 11.66 -10.22 -7.08
CA HIS B 309 11.21 -11.35 -6.28
C HIS B 309 12.44 -11.95 -5.58
N GLY B 310 12.23 -12.85 -4.64
CA GLY B 310 13.33 -13.48 -3.92
C GLY B 310 13.88 -14.73 -4.58
N THR B 311 14.64 -15.51 -3.82
CA THR B 311 15.31 -16.71 -4.29
C THR B 311 14.41 -17.96 -4.48
N VAL B 312 13.12 -17.85 -4.21
CA VAL B 312 12.12 -18.92 -4.35
C VAL B 312 12.54 -20.18 -3.56
N THR B 313 12.75 -20.04 -2.26
CA THR B 313 13.15 -21.14 -1.40
C THR B 313 12.27 -22.37 -1.52
N ARG B 314 10.94 -22.20 -1.58
CA ARG B 314 10.03 -23.33 -1.65
C ARG B 314 10.26 -24.19 -2.84
N HIS B 315 10.59 -23.62 -4.01
CA HIS B 315 10.88 -24.42 -5.20
C HIS B 315 12.25 -25.09 -5.06
N TYR B 316 13.23 -24.37 -4.49
CA TYR B 316 14.56 -24.90 -4.29
C TYR B 316 14.51 -26.13 -3.37
N ARG B 317 13.66 -26.10 -2.32
CA ARG B 317 13.53 -27.25 -1.41
C ARG B 317 12.97 -28.46 -2.17
N MET B 318 12.07 -28.23 -3.13
CA MET B 318 11.54 -29.32 -3.93
C MET B 318 12.64 -29.87 -4.82
N TYR B 319 13.40 -28.97 -5.48
CA TYR B 319 14.55 -29.30 -6.35
C TYR B 319 15.55 -30.18 -5.57
N GLN B 320 15.87 -29.79 -4.33
CA GLN B 320 16.74 -30.52 -3.44
C GLN B 320 16.24 -31.95 -3.15
N LYS B 321 14.91 -32.16 -3.15
CA LYS B 321 14.34 -33.49 -2.88
C LYS B 321 14.04 -34.30 -4.14
N GLY B 322 14.48 -33.83 -5.31
CA GLY B 322 14.23 -34.53 -6.56
C GLY B 322 12.84 -34.31 -7.13
N GLN B 323 12.11 -33.31 -6.63
CA GLN B 323 10.77 -33.02 -7.14
C GLN B 323 10.85 -32.08 -8.32
N GLU B 324 9.96 -32.27 -9.28
CA GLU B 324 9.90 -31.43 -10.47
C GLU B 324 9.45 -30.03 -10.05
N THR B 325 10.13 -28.99 -10.56
CA THR B 325 9.75 -27.61 -10.21
C THR B 325 9.19 -26.89 -11.44
N SER B 326 8.46 -25.79 -11.22
CA SER B 326 7.92 -24.99 -12.31
C SER B 326 8.07 -23.53 -11.89
N THR B 327 9.30 -23.01 -11.99
CA THR B 327 9.68 -21.67 -11.58
C THR B 327 9.65 -20.72 -12.77
N ASN B 328 8.97 -19.59 -12.61
CA ASN B 328 8.85 -18.59 -13.64
C ASN B 328 10.16 -17.81 -13.81
N PRO B 329 10.79 -17.89 -14.99
CA PRO B 329 12.03 -17.15 -15.21
C PRO B 329 11.86 -15.78 -15.84
N ILE B 330 10.64 -15.35 -16.20
CA ILE B 330 10.42 -14.06 -16.86
C ILE B 330 11.07 -12.88 -16.18
N ALA B 331 10.89 -12.69 -14.88
CA ALA B 331 11.49 -11.55 -14.18
C ALA B 331 13.01 -11.56 -14.29
N SER B 332 13.62 -12.74 -14.19
CA SER B 332 15.06 -12.89 -14.30
C SER B 332 15.55 -12.67 -15.72
N ILE B 333 14.77 -13.10 -16.71
CA ILE B 333 15.09 -12.88 -18.11
C ILE B 333 15.02 -11.36 -18.41
N PHE B 334 14.00 -10.67 -17.87
CA PHE B 334 13.88 -9.24 -18.11
C PHE B 334 14.94 -8.44 -17.41
N ALA B 335 15.61 -8.98 -16.38
CA ALA B 335 16.73 -8.28 -15.76
C ALA B 335 17.88 -8.30 -16.81
N TRP B 336 18.09 -9.42 -17.50
CA TRP B 336 19.08 -9.54 -18.56
C TRP B 336 18.73 -8.62 -19.76
N THR B 337 17.48 -8.66 -20.25
CA THR B 337 17.07 -7.84 -21.41
C THR B 337 17.13 -6.33 -21.12
N ARG B 338 16.69 -5.90 -19.93
CA ARG B 338 16.76 -4.47 -19.58
C ARG B 338 18.22 -4.01 -19.53
N GLY B 339 19.10 -4.82 -18.95
CA GLY B 339 20.54 -4.53 -18.85
C GLY B 339 21.26 -4.55 -20.19
N LEU B 340 20.95 -5.54 -21.03
CA LEU B 340 21.53 -5.64 -22.36
C LEU B 340 21.06 -4.50 -23.28
N ALA B 341 19.76 -4.11 -23.20
CA ALA B 341 19.24 -3.01 -24.02
C ALA B 341 19.96 -1.71 -23.62
N HIS B 342 20.25 -1.54 -22.29
CA HIS B 342 20.96 -0.37 -21.79
C HIS B 342 22.42 -0.38 -22.28
N ARG B 343 23.06 -1.55 -22.29
CA ARG B 343 24.42 -1.73 -22.77
C ARG B 343 24.50 -1.33 -24.26
N ALA B 344 23.50 -1.79 -25.04
CA ALA B 344 23.37 -1.50 -26.46
C ALA B 344 23.14 -0.01 -26.69
N LYS B 345 22.36 0.64 -25.83
CA LYS B 345 22.09 2.05 -25.93
C LYS B 345 23.39 2.84 -25.74
N LEU B 346 24.17 2.51 -24.69
CA LEU B 346 25.42 3.20 -24.40
C LEU B 346 26.44 3.08 -25.53
N ASP B 347 26.54 1.89 -26.10
CA ASP B 347 27.49 1.57 -27.16
C ASP B 347 26.97 1.74 -28.58
N ASN B 348 25.70 2.14 -28.75
CA ASN B 348 25.04 2.24 -30.06
C ASN B 348 25.17 0.90 -30.81
N ASN B 349 24.90 -0.18 -30.09
CA ASN B 349 25.00 -1.53 -30.62
C ASN B 349 23.60 -1.90 -31.08
N LYS B 350 23.34 -1.84 -32.41
CA LYS B 350 22.00 -2.14 -32.93
C LYS B 350 21.64 -3.62 -32.84
N GLU B 351 22.60 -4.51 -33.03
CA GLU B 351 22.37 -5.95 -32.99
C GLU B 351 22.02 -6.43 -31.57
N LEU B 352 22.64 -5.82 -30.54
CA LEU B 352 22.35 -6.19 -29.15
C LEU B 352 20.98 -5.64 -28.75
N ALA B 353 20.68 -4.40 -29.20
CA ALA B 353 19.39 -3.76 -28.94
C ALA B 353 18.26 -4.62 -29.53
N PHE B 354 18.48 -5.16 -30.72
CA PHE B 354 17.55 -6.02 -31.38
C PHE B 354 17.35 -7.30 -30.57
N PHE B 355 18.45 -7.95 -30.17
CA PHE B 355 18.42 -9.18 -29.38
C PHE B 355 17.62 -9.01 -28.09
N ALA B 356 17.97 -7.98 -27.28
CA ALA B 356 17.29 -7.67 -26.00
C ALA B 356 15.80 -7.54 -26.20
N ASN B 357 15.36 -6.89 -27.27
CA ASN B 357 13.93 -6.74 -27.54
C ASN B 357 13.28 -8.04 -28.03
N ALA B 358 13.97 -8.79 -28.88
CA ALA B 358 13.47 -10.05 -29.42
C ALA B 358 13.27 -11.05 -28.26
N LEU B 359 14.19 -11.07 -27.28
CA LEU B 359 14.05 -11.97 -26.14
C LEU B 359 12.82 -11.60 -25.29
N GLU B 360 12.52 -10.31 -25.16
CA GLU B 360 11.35 -9.87 -24.41
C GLU B 360 10.07 -10.27 -25.18
N GLU B 361 10.08 -10.13 -26.53
CA GLU B 361 8.93 -10.48 -27.36
C GLU B 361 8.67 -11.96 -27.27
N VAL B 362 9.71 -12.78 -27.38
CA VAL B 362 9.61 -14.23 -27.29
C VAL B 362 8.99 -14.65 -25.93
N SER B 363 9.48 -14.08 -24.83
CA SER B 363 8.99 -14.36 -23.47
C SER B 363 7.49 -14.12 -23.37
N ILE B 364 7.00 -12.97 -23.86
CA ILE B 364 5.59 -12.63 -23.82
C ILE B 364 4.74 -13.45 -24.79
N GLU B 365 5.25 -13.67 -26.00
CA GLU B 365 4.56 -14.44 -27.03
C GLU B 365 4.37 -15.89 -26.64
N THR B 366 5.34 -16.46 -25.91
CA THR B 366 5.27 -17.85 -25.48
C THR B 366 4.16 -18.01 -24.47
N ILE B 367 4.10 -17.12 -23.46
CA ILE B 367 3.04 -17.18 -22.46
C ILE B 367 1.69 -16.88 -23.13
N GLU B 368 1.65 -15.87 -24.02
CA GLU B 368 0.41 -15.53 -24.72
C GLU B 368 -0.08 -16.64 -25.62
N ALA B 369 0.83 -17.54 -26.09
CA ALA B 369 0.38 -18.67 -26.90
C ALA B 369 -0.06 -19.88 -26.00
N GLY B 370 -0.12 -19.69 -24.69
CA GLY B 370 -0.56 -20.72 -23.76
C GLY B 370 0.53 -21.55 -23.08
N PHE B 371 1.81 -21.31 -23.40
CA PHE B 371 2.94 -22.04 -22.78
C PHE B 371 3.44 -21.25 -21.59
N MET B 372 3.28 -21.81 -20.39
CA MET B 372 3.64 -21.09 -19.18
C MET B 372 3.97 -22.01 -18.03
N THR B 373 4.56 -21.45 -16.95
CA THR B 373 4.90 -22.16 -15.73
C THR B 373 3.64 -22.29 -14.83
N LYS B 374 3.66 -23.21 -13.84
CA LYS B 374 2.54 -23.52 -12.96
C LYS B 374 1.90 -22.32 -12.30
N ASP B 375 2.67 -21.39 -11.79
CA ASP B 375 2.15 -20.17 -11.15
C ASP B 375 1.24 -19.38 -12.09
N LEU B 376 1.63 -19.22 -13.37
CA LEU B 376 0.82 -18.51 -14.34
C LEU B 376 -0.43 -19.35 -14.64
N ALA B 377 -0.31 -20.66 -14.77
CA ALA B 377 -1.47 -21.53 -15.02
C ALA B 377 -2.47 -21.42 -13.84
N ALA B 378 -1.96 -21.28 -12.62
CA ALA B 378 -2.80 -21.14 -11.43
C ALA B 378 -3.54 -19.82 -11.44
N CYS B 379 -2.93 -18.76 -11.98
CA CYS B 379 -3.58 -17.46 -12.12
C CYS B 379 -4.81 -17.57 -13.01
N ILE B 380 -4.72 -18.39 -14.08
CA ILE B 380 -5.83 -18.57 -15.00
C ILE B 380 -6.89 -19.58 -14.51
N LYS B 381 -6.53 -20.86 -14.35
CA LYS B 381 -7.45 -21.91 -13.97
C LYS B 381 -7.80 -21.96 -12.51
N GLY B 382 -6.96 -21.42 -11.66
CA GLY B 382 -7.15 -21.52 -10.21
C GLY B 382 -6.34 -22.74 -9.80
N LEU B 383 -5.51 -22.62 -8.74
CA LEU B 383 -4.65 -23.73 -8.31
C LEU B 383 -5.34 -25.11 -8.20
N PRO B 384 -6.52 -25.29 -7.56
CA PRO B 384 -7.08 -26.66 -7.49
C PRO B 384 -7.40 -27.28 -8.84
N ASN B 385 -7.62 -26.42 -9.86
CA ASN B 385 -7.95 -26.87 -11.21
C ASN B 385 -6.78 -27.10 -12.13
N VAL B 386 -5.55 -26.73 -11.72
CA VAL B 386 -4.39 -26.91 -12.57
C VAL B 386 -4.02 -28.38 -12.73
N GLN B 387 -3.92 -28.82 -13.99
CA GLN B 387 -3.47 -30.17 -14.34
C GLN B 387 -2.03 -30.05 -14.86
N ARG B 388 -1.26 -31.14 -14.84
CA ARG B 388 0.12 -31.13 -15.34
C ARG B 388 0.23 -30.60 -16.80
N SER B 389 -0.77 -30.91 -17.63
CA SER B 389 -0.83 -30.50 -19.04
C SER B 389 -1.07 -29.00 -19.26
N ASP B 390 -1.52 -28.29 -18.23
CA ASP B 390 -1.77 -26.86 -18.31
C ASP B 390 -0.47 -26.01 -18.20
N TYR B 391 0.67 -26.63 -17.85
CA TYR B 391 1.92 -25.89 -17.70
C TYR B 391 3.13 -26.71 -18.08
N LEU B 392 4.30 -26.03 -18.10
CA LEU B 392 5.60 -26.59 -18.38
C LEU B 392 6.45 -26.43 -17.10
N ASN B 393 7.33 -27.44 -16.83
CA ASN B 393 8.26 -27.39 -15.68
C ASN B 393 9.38 -26.38 -16.02
N THR B 394 10.30 -26.10 -15.07
CA THR B 394 11.35 -25.12 -15.29
C THR B 394 12.13 -25.28 -16.59
N PHE B 395 12.54 -26.50 -16.89
CA PHE B 395 13.36 -26.83 -18.05
C PHE B 395 12.61 -26.79 -19.34
N GLU B 396 11.39 -27.33 -19.33
CA GLU B 396 10.58 -27.33 -20.55
C GLU B 396 10.20 -25.91 -20.91
N PHE B 397 9.92 -25.04 -19.91
CA PHE B 397 9.59 -23.66 -20.22
C PHE B 397 10.81 -22.95 -20.82
N MET B 398 12.02 -23.18 -20.27
CA MET B 398 13.25 -22.61 -20.81
C MET B 398 13.56 -23.13 -22.23
N ASP B 399 13.27 -24.40 -22.49
CA ASP B 399 13.48 -24.99 -23.80
C ASP B 399 12.49 -24.41 -24.80
N LYS B 400 11.25 -24.13 -24.38
CA LYS B 400 10.24 -23.55 -25.28
C LYS B 400 10.65 -22.13 -25.62
N LEU B 401 11.18 -21.38 -24.63
CA LEU B 401 11.67 -20.03 -24.87
C LEU B 401 12.85 -20.06 -25.82
N GLY B 402 13.74 -21.05 -25.63
CA GLY B 402 14.93 -21.27 -26.46
C GLY B 402 14.59 -21.60 -27.89
N GLU B 403 13.52 -22.39 -28.14
CA GLU B 403 13.13 -22.75 -29.51
C GLU B 403 12.56 -21.53 -30.21
N ASN B 404 11.63 -20.86 -29.55
CA ASN B 404 11.01 -19.67 -30.09
C ASN B 404 12.01 -18.54 -30.34
N LEU B 405 13.09 -18.47 -29.54
CA LEU B 405 14.13 -17.44 -29.68
C LEU B 405 15.02 -17.75 -30.88
N LYS B 406 15.34 -19.05 -31.10
CA LYS B 406 16.11 -19.52 -32.24
C LYS B 406 15.29 -19.20 -33.49
N ILE B 407 13.99 -19.52 -33.50
CA ILE B 407 13.13 -19.21 -34.63
C ILE B 407 13.07 -17.71 -34.90
N LYS B 408 12.75 -16.90 -33.87
CA LYS B 408 12.67 -15.44 -34.02
C LYS B 408 13.97 -14.81 -34.55
N LEU B 409 15.13 -15.21 -34.01
CA LEU B 409 16.41 -14.68 -34.46
C LEU B 409 16.77 -15.20 -35.86
N ALA B 410 16.38 -16.45 -36.21
CA ALA B 410 16.67 -16.98 -37.54
C ALA B 410 15.86 -16.23 -38.61
N GLN B 411 14.65 -15.78 -38.27
CA GLN B 411 13.82 -15.01 -39.19
C GLN B 411 14.42 -13.62 -39.45
N ALA B 412 15.04 -13.03 -38.41
CA ALA B 412 15.67 -11.71 -38.48
C ALA B 412 16.97 -11.70 -39.27
N LYS B 413 17.67 -12.86 -39.34
CA LYS B 413 18.95 -13.05 -40.06
C LYS B 413 20.03 -12.03 -39.67
#